data_3JU7
#
_entry.id   3JU7
#
_cell.length_a   82.388
_cell.length_b   90.586
_cell.length_c   131.699
_cell.angle_alpha   90.000
_cell.angle_beta   90.000
_cell.angle_gamma   90.000
#
_symmetry.space_group_name_H-M   'P 21 21 21'
#
loop_
_entity.id
_entity.type
_entity.pdbx_description
1 polymer 'Putative PLP-dependent aminotransferase'
2 non-polymer 'CALCIUM ION'
3 non-polymer 'ACETATE ION'
4 non-polymer DI(HYDROXYETHYL)ETHER
5 non-polymer 'TRIETHYLENE GLYCOL'
6 water water
#
_entity_poly.entity_id   1
_entity_poly.type   'polypeptide(L)'
_entity_poly.pdbx_seq_one_letter_code
;G(MSE)ENIPFLRASTVPVIEYLDELKEIDASHIYTNYGPINQRFEQTI(MSE)SGFFQNRGAVTTVANATLGL(MSE)A
AIQLKKRKKGKYAL(MSE)PSFTFPATPLAAIWCGLEPYFIDISIDDWY(MSE)DKTVLWDKIEELKEEVAIVVPYATFG
SW(MSE)NLEEYEELEKKGVPVVVDAAPGFGL(MSE)NGG(MSE)HYGQDFSG(MSE)IIYSFHAT(LLP)PFGIGEGGL
IYSKNEEDIQRIKR(MSE)GNFGFDTNRECT(MSE)(MSE)GFNCK(MSE)SEYAAAIGIAT(MSE)KKWDDKLKERTRI
SEWYKQLLQSNGL(MSE)KKGWQLQKTEAVIQQF(MSE)PILCPEEVRNKQVIEDLKKQKIEARLYFSPSCHQQVLFRNY
KSTDLTRTNKIAKRIVSLPLWEG(MSE)TKEIVEQIVICLGQKVVSADE
;
_entity_poly.pdbx_strand_id   A,B
#
loop_
_chem_comp.id
_chem_comp.type
_chem_comp.name
_chem_comp.formula
ACT non-polymer 'ACETATE ION' 'C2 H3 O2 -1'
CA non-polymer 'CALCIUM ION' 'Ca 2'
PEG non-polymer DI(HYDROXYETHYL)ETHER 'C4 H10 O3'
PGE non-polymer 'TRIETHYLENE GLYCOL' 'C6 H14 O4'
#
# COMPACT_ATOMS: atom_id res chain seq x y z
N GLU A 3 10.20 -28.66 17.81
CA GLU A 3 9.20 -29.75 17.88
C GLU A 3 8.55 -29.97 16.51
N ASN A 4 7.70 -29.05 16.06
CA ASN A 4 7.15 -29.09 14.70
C ASN A 4 8.06 -28.28 13.80
N ILE A 5 8.22 -28.72 12.56
CA ILE A 5 8.98 -27.95 11.59
C ILE A 5 7.93 -27.13 10.84
N PRO A 6 7.88 -25.82 11.08
CA PRO A 6 6.89 -24.98 10.43
C PRO A 6 7.30 -24.59 9.02
N PHE A 7 6.35 -24.17 8.19
CA PHE A 7 6.65 -23.88 6.78
C PHE A 7 7.49 -22.63 6.65
N LEU A 8 7.10 -21.57 7.34
CA LEU A 8 7.86 -20.35 7.29
C LEU A 8 8.33 -19.94 8.68
N ARG A 9 9.56 -19.45 8.72
CA ARG A 9 10.11 -18.90 9.91
C ARG A 9 11.00 -17.76 9.48
N ALA A 10 10.37 -16.60 9.32
CA ALA A 10 11.06 -15.40 8.94
C ALA A 10 12.03 -14.99 10.03
N SER A 11 13.17 -14.46 9.60
CA SER A 11 14.08 -13.75 10.48
C SER A 11 14.62 -12.49 9.79
N THR A 12 14.04 -11.34 10.07
CA THR A 12 14.53 -10.08 9.53
C THR A 12 15.74 -9.69 10.38
N VAL A 13 16.58 -8.78 9.90
CA VAL A 13 17.67 -8.33 10.75
C VAL A 13 17.16 -7.72 12.08
N PRO A 14 17.82 -8.04 13.19
CA PRO A 14 17.41 -7.55 14.49
C PRO A 14 17.56 -6.04 14.64
N VAL A 15 16.83 -5.46 15.59
CA VAL A 15 16.82 -4.00 15.74
C VAL A 15 18.24 -3.37 15.90
N ILE A 16 19.17 -4.05 16.57
CA ILE A 16 20.48 -3.40 16.81
C ILE A 16 21.15 -2.99 15.46
N GLU A 17 20.85 -3.74 14.39
CA GLU A 17 21.44 -3.55 13.06
C GLU A 17 20.98 -2.32 12.30
N TYR A 18 19.78 -1.80 12.60
CA TYR A 18 19.32 -0.52 12.02
C TYR A 18 18.99 0.58 13.06
N LEU A 19 19.54 0.50 14.27
CA LEU A 19 19.19 1.47 15.31
C LEU A 19 19.81 2.83 14.98
N ASP A 20 21.06 2.86 14.56
CA ASP A 20 21.67 4.08 14.03
C ASP A 20 20.80 4.79 13.01
N GLU A 21 20.25 4.07 12.07
CA GLU A 21 19.39 4.70 11.09
C GLU A 21 18.13 5.24 11.75
N LEU A 22 17.56 4.50 12.70
CA LEU A 22 16.42 5.01 13.47
C LEU A 22 16.77 6.31 14.21
N LYS A 23 17.99 6.39 14.77
CA LYS A 23 18.44 7.66 15.35
C LYS A 23 18.49 8.76 14.30
N GLU A 24 19.01 8.45 13.11
CA GLU A 24 19.01 9.45 12.05
C GLU A 24 17.60 9.96 11.75
N ILE A 25 16.64 9.04 11.64
CA ILE A 25 15.28 9.43 11.34
C ILE A 25 14.75 10.36 12.42
N ASP A 26 14.98 10.01 13.67
CA ASP A 26 14.48 10.82 14.78
C ASP A 26 15.15 12.20 14.81
N ALA A 27 16.44 12.26 14.45
CA ALA A 27 17.13 13.55 14.38
C ALA A 27 16.64 14.37 13.19
N SER A 28 16.29 13.74 12.07
CA SER A 28 15.95 14.49 10.87
C SER A 28 14.49 14.96 10.85
N HIS A 29 13.63 14.28 11.60
CA HIS A 29 12.17 14.50 11.50
C HIS A 29 11.68 14.36 10.08
N ILE A 30 12.24 13.43 9.32
CA ILE A 30 11.70 13.07 8.00
C ILE A 30 11.44 11.58 8.17
N TYR A 31 10.18 11.22 7.97
CA TYR A 31 9.67 9.88 8.25
C TYR A 31 9.14 9.11 7.04
N THR A 32 8.85 9.79 5.94
CA THR A 32 8.36 9.11 4.75
C THR A 32 8.43 10.03 3.51
N ASN A 33 7.78 9.63 2.43
CA ASN A 33 7.73 10.41 1.18
C ASN A 33 9.12 10.62 0.54
N TYR A 34 9.78 9.50 0.23
CA TYR A 34 11.08 9.53 -0.45
C TYR A 34 12.13 10.31 0.35
N GLY A 35 12.19 10.02 1.65
CA GLY A 35 13.16 10.61 2.53
C GLY A 35 14.60 10.17 2.27
N PRO A 36 15.54 10.77 2.99
CA PRO A 36 16.95 10.53 2.70
C PRO A 36 17.41 9.08 2.91
N ILE A 37 16.78 8.35 3.83
CA ILE A 37 17.16 6.95 4.11
C ILE A 37 16.64 6.10 2.96
N ASN A 38 15.42 6.39 2.52
CA ASN A 38 14.92 5.73 1.30
C ASN A 38 15.80 6.02 0.09
N GLN A 39 16.19 7.26 -0.10
CA GLN A 39 17.10 7.56 -1.22
C GLN A 39 18.40 6.78 -1.04
N ARG A 40 18.91 6.72 0.19
CA ARG A 40 20.19 6.04 0.44
C ARG A 40 20.05 4.57 0.10
N PHE A 41 18.93 3.98 0.49
CA PHE A 41 18.64 2.59 0.23
C PHE A 41 18.65 2.29 -1.28
N GLU A 42 17.98 3.15 -2.05
CA GLU A 42 17.89 3.00 -3.50
C GLU A 42 19.25 3.19 -4.14
N GLN A 43 20.04 4.14 -3.64
CA GLN A 43 21.37 4.37 -4.20
C GLN A 43 22.25 3.17 -3.92
N THR A 44 22.05 2.55 -2.76
CA THR A 44 22.83 1.38 -2.36
C THR A 44 22.48 0.21 -3.24
N ILE A 45 21.21 0.12 -3.62
CA ILE A 45 20.79 -0.95 -4.54
C ILE A 45 21.37 -0.72 -5.95
N MSE A 46 21.33 0.52 -6.43
CA MSE A 46 21.84 0.83 -7.78
C MSE A 46 23.32 0.52 -7.90
O MSE A 46 23.76 -0.08 -8.86
CB MSE A 46 21.52 2.30 -8.15
CG MSE A 46 20.07 2.53 -8.45
SE MSE A 46 19.42 1.37 -9.87
CE MSE A 46 20.86 1.74 -11.13
N SER A 47 24.07 0.90 -6.88
CA SER A 47 25.49 0.62 -6.87
C SER A 47 25.80 -0.84 -6.62
N GLY A 48 25.09 -1.41 -5.67
CA GLY A 48 25.38 -2.76 -5.21
C GLY A 48 24.90 -3.81 -6.17
N PHE A 49 23.69 -3.65 -6.72
CA PHE A 49 23.15 -4.66 -7.59
C PHE A 49 23.11 -4.33 -9.07
N PHE A 50 22.78 -3.09 -9.44
CA PHE A 50 22.45 -2.82 -10.84
C PHE A 50 23.51 -2.07 -11.65
N GLN A 51 24.74 -2.09 -11.13
CA GLN A 51 25.89 -1.50 -11.80
C GLN A 51 25.61 -0.08 -12.19
N ASN A 52 24.81 0.63 -11.39
CA ASN A 52 24.48 2.01 -11.67
C ASN A 52 23.98 2.26 -13.08
N ARG A 53 23.22 1.29 -13.61
CA ARG A 53 22.58 1.44 -14.89
C ARG A 53 21.09 1.13 -14.66
N GLY A 54 20.26 2.09 -15.08
CA GLY A 54 18.84 2.06 -14.81
C GLY A 54 18.53 2.83 -13.52
N ALA A 55 17.36 2.53 -12.97
CA ALA A 55 16.86 3.23 -11.81
C ALA A 55 15.90 2.34 -11.06
N VAL A 56 15.78 2.59 -9.76
CA VAL A 56 14.85 1.86 -8.93
C VAL A 56 13.96 2.81 -8.12
N THR A 57 12.78 2.29 -7.73
CA THR A 57 12.04 2.96 -6.69
C THR A 57 11.51 1.96 -5.68
N THR A 58 11.57 2.31 -4.39
CA THR A 58 10.91 1.49 -3.38
C THR A 58 9.40 1.67 -3.52
N VAL A 59 8.62 0.67 -3.06
CA VAL A 59 7.17 0.78 -2.97
C VAL A 59 6.74 0.13 -1.65
N ALA A 60 5.49 0.33 -1.22
CA ALA A 60 5.09 -0.11 0.12
C ALA A 60 4.96 -1.62 0.18
N ASN A 61 4.63 -2.23 -0.96
CA ASN A 61 4.65 -3.67 -1.14
C ASN A 61 4.64 -3.99 -2.67
N ALA A 62 5.04 -5.20 -3.03
CA ALA A 62 5.17 -5.60 -4.46
C ALA A 62 3.83 -5.63 -5.15
N THR A 63 2.76 -5.91 -4.43
CA THR A 63 1.44 -5.93 -5.05
C THR A 63 1.11 -4.56 -5.62
N LEU A 64 1.35 -3.54 -4.81
CA LEU A 64 1.15 -2.15 -5.24
C LEU A 64 2.14 -1.73 -6.33
N GLY A 65 3.34 -2.26 -6.28
CA GLY A 65 4.29 -2.00 -7.35
C GLY A 65 3.78 -2.61 -8.65
N LEU A 66 3.24 -3.82 -8.59
CA LEU A 66 2.69 -4.44 -9.77
C LEU A 66 1.62 -3.53 -10.34
N MSE A 67 0.72 -3.08 -9.47
CA MSE A 67 -0.40 -2.22 -9.85
C MSE A 67 0.06 -0.93 -10.52
O MSE A 67 -0.45 -0.56 -11.59
CB MSE A 67 -1.32 -1.93 -8.64
CG MSE A 67 -2.14 -3.18 -8.21
SE MSE A 67 -2.85 -2.96 -6.42
CE MSE A 67 -4.02 -1.62 -6.81
N ALA A 68 1.04 -0.27 -9.91
CA ALA A 68 1.57 0.97 -10.44
C ALA A 68 2.14 0.73 -11.84
N ALA A 69 3.01 -0.29 -11.93
CA ALA A 69 3.73 -0.62 -13.17
C ALA A 69 2.76 -0.98 -14.33
N ILE A 70 1.80 -1.83 -14.08
CA ILE A 70 0.80 -2.20 -15.11
C ILE A 70 -0.02 -0.99 -15.55
N GLN A 71 -0.51 -0.22 -14.57
CA GLN A 71 -1.27 1.02 -14.85
C GLN A 71 -0.44 1.97 -15.73
N LEU A 72 0.83 2.21 -15.40
CA LEU A 72 1.68 3.08 -16.26
C LEU A 72 1.91 2.53 -17.66
N LYS A 73 2.20 1.23 -17.74
CA LYS A 73 2.75 0.65 -18.95
C LYS A 73 1.69 0.01 -19.85
N LYS A 74 0.49 -0.26 -19.35
CA LYS A 74 -0.48 -0.94 -20.19
C LYS A 74 -0.86 -0.12 -21.45
N ARG A 75 -1.09 -0.83 -22.55
CA ARG A 75 -1.57 -0.17 -23.76
C ARG A 75 -3.01 0.18 -23.53
N LYS A 76 -3.32 1.44 -23.82
CA LYS A 76 -4.57 2.04 -23.38
C LYS A 76 -5.80 1.43 -24.07
N LYS A 77 -5.63 0.81 -25.22
CA LYS A 77 -6.79 0.22 -25.86
C LYS A 77 -6.95 -1.28 -25.53
N GLY A 78 -5.98 -1.89 -24.84
CA GLY A 78 -5.98 -3.32 -24.56
C GLY A 78 -6.91 -3.72 -23.41
N LYS A 79 -7.31 -4.98 -23.44
CA LYS A 79 -8.26 -5.53 -22.51
C LYS A 79 -7.62 -6.59 -21.58
N TYR A 80 -6.58 -7.26 -22.06
CA TYR A 80 -6.05 -8.42 -21.35
C TYR A 80 -4.61 -8.24 -20.85
N ALA A 81 -4.32 -8.85 -19.70
CA ALA A 81 -2.94 -9.00 -19.20
C ALA A 81 -2.58 -10.48 -19.39
N LEU A 82 -1.66 -10.78 -20.30
CA LEU A 82 -1.27 -12.19 -20.57
C LEU A 82 -0.24 -12.59 -19.50
N MSE A 83 -0.56 -13.63 -18.73
CA MSE A 83 0.28 -14.06 -17.64
C MSE A 83 0.08 -15.55 -17.39
O MSE A 83 -0.88 -16.14 -17.84
CB MSE A 83 -0.06 -13.30 -16.35
CG MSE A 83 -1.53 -13.50 -15.93
SE MSE A 83 -2.06 -12.58 -14.31
CE MSE A 83 -1.78 -10.75 -14.85
N PRO A 84 0.98 -16.16 -16.65
CA PRO A 84 0.74 -17.53 -16.25
C PRO A 84 -0.37 -17.64 -15.20
N SER A 85 -1.04 -18.79 -15.16
CA SER A 85 -1.94 -19.15 -14.07
C SER A 85 -1.09 -19.59 -12.86
N PHE A 86 0.02 -20.23 -13.16
CA PHE A 86 0.91 -20.76 -12.13
C PHE A 86 1.72 -19.61 -11.53
N THR A 87 1.07 -18.85 -10.66
CA THR A 87 1.70 -17.70 -9.99
C THR A 87 0.92 -17.43 -8.71
N PHE A 88 1.43 -16.51 -7.89
CA PHE A 88 0.75 -16.12 -6.67
C PHE A 88 -0.43 -15.20 -7.06
N PRO A 89 -1.53 -15.22 -6.30
CA PRO A 89 -2.69 -14.42 -6.75
C PRO A 89 -2.50 -12.91 -6.83
N ALA A 90 -1.47 -12.36 -6.18
CA ALA A 90 -1.13 -10.95 -6.33
C ALA A 90 -1.06 -10.53 -7.82
N THR A 91 -0.59 -11.44 -8.71
CA THR A 91 -0.35 -11.05 -10.12
C THR A 91 -1.65 -10.80 -10.85
N PRO A 92 -2.58 -11.77 -10.87
CA PRO A 92 -3.84 -11.39 -11.56
C PRO A 92 -4.64 -10.28 -10.83
N LEU A 93 -4.61 -10.27 -9.50
CA LEU A 93 -5.30 -9.19 -8.76
C LEU A 93 -4.78 -7.83 -9.17
N ALA A 94 -3.45 -7.73 -9.32
CA ALA A 94 -2.87 -6.45 -9.72
C ALA A 94 -3.48 -6.02 -11.08
N ALA A 95 -3.69 -6.97 -12.01
CA ALA A 95 -4.20 -6.65 -13.35
C ALA A 95 -5.67 -6.18 -13.29
N ILE A 96 -6.44 -6.91 -12.50
CA ILE A 96 -7.86 -6.65 -12.35
C ILE A 96 -8.07 -5.24 -11.74
N TRP A 97 -7.24 -4.83 -10.80
CA TRP A 97 -7.32 -3.48 -10.23
C TRP A 97 -6.99 -2.40 -11.28
N CYS A 98 -6.16 -2.75 -12.27
CA CYS A 98 -5.87 -1.81 -13.38
C CYS A 98 -6.93 -1.87 -14.45
N GLY A 99 -7.99 -2.60 -14.21
CA GLY A 99 -9.06 -2.70 -15.17
C GLY A 99 -8.82 -3.69 -16.28
N LEU A 100 -7.91 -4.62 -16.13
CA LEU A 100 -7.68 -5.61 -17.16
C LEU A 100 -8.23 -6.95 -16.76
N GLU A 101 -8.41 -7.81 -17.75
CA GLU A 101 -8.77 -9.18 -17.47
C GLU A 101 -7.49 -10.00 -17.59
N PRO A 102 -7.20 -10.84 -16.61
CA PRO A 102 -6.13 -11.78 -16.89
C PRO A 102 -6.53 -12.69 -18.05
N TYR A 103 -5.54 -13.09 -18.82
CA TYR A 103 -5.65 -14.10 -19.88
C TYR A 103 -4.53 -15.10 -19.64
N PHE A 104 -4.87 -16.30 -19.17
CA PHE A 104 -3.84 -17.21 -18.69
C PHE A 104 -3.20 -18.04 -19.82
N ILE A 105 -1.86 -18.17 -19.73
CA ILE A 105 -1.02 -18.83 -20.71
C ILE A 105 -0.32 -20.02 -20.00
N ASP A 106 -0.34 -21.19 -20.64
CA ASP A 106 0.33 -22.37 -20.11
C ASP A 106 1.84 -22.20 -19.89
N ILE A 107 2.40 -23.05 -19.03
CA ILE A 107 3.84 -23.00 -18.71
C ILE A 107 4.59 -24.21 -19.33
N SER A 108 5.91 -24.09 -19.48
CA SER A 108 6.75 -25.22 -19.79
C SER A 108 6.79 -26.19 -18.61
N ILE A 109 6.78 -27.48 -18.91
CA ILE A 109 6.74 -28.51 -17.90
C ILE A 109 8.03 -28.60 -17.09
N ASP A 110 9.13 -28.04 -17.59
CA ASP A 110 10.42 -28.13 -16.89
C ASP A 110 10.90 -26.90 -16.15
N ASP A 111 10.82 -25.71 -16.78
CA ASP A 111 11.29 -24.47 -16.13
C ASP A 111 10.16 -23.72 -15.43
N TRP A 112 8.93 -24.12 -15.73
CA TRP A 112 7.70 -23.59 -15.13
C TRP A 112 7.46 -22.12 -15.37
N TYR A 113 8.09 -21.59 -16.41
CA TYR A 113 7.76 -20.25 -16.87
C TYR A 113 6.70 -20.34 -17.98
N MSE A 114 6.07 -19.20 -18.23
CA MSE A 114 5.16 -19.01 -19.34
C MSE A 114 5.87 -19.49 -20.61
O MSE A 114 7.04 -19.14 -20.86
CB MSE A 114 4.70 -17.54 -19.38
CG MSE A 114 3.63 -17.26 -20.40
SE MSE A 114 2.62 -15.70 -20.05
CE MSE A 114 4.19 -14.51 -19.79
N ASP A 115 5.21 -20.37 -21.37
CA ASP A 115 5.78 -20.90 -22.60
C ASP A 115 5.72 -19.85 -23.70
N LYS A 116 6.89 -19.37 -24.13
CA LYS A 116 6.98 -18.22 -25.04
C LYS A 116 6.35 -18.47 -26.40
N THR A 117 6.39 -19.69 -26.87
CA THR A 117 5.74 -20.05 -28.11
C THR A 117 4.25 -19.83 -28.03
N VAL A 118 3.66 -20.30 -26.93
CA VAL A 118 2.22 -20.16 -26.75
C VAL A 118 1.88 -18.69 -26.53
N LEU A 119 2.74 -17.96 -25.82
CA LEU A 119 2.51 -16.55 -25.55
C LEU A 119 2.50 -15.73 -26.88
N TRP A 120 3.51 -15.96 -27.73
CA TRP A 120 3.64 -15.31 -29.06
CA TRP A 120 3.60 -15.23 -29.00
C TRP A 120 2.44 -15.56 -29.94
N ASP A 121 2.02 -16.81 -30.01
CA ASP A 121 0.89 -17.11 -30.87
C ASP A 121 -0.28 -16.34 -30.38
N LYS A 122 -0.42 -16.26 -29.06
CA LYS A 122 -1.58 -15.57 -28.48
C LYS A 122 -1.49 -14.05 -28.69
N ILE A 123 -0.30 -13.47 -28.57
CA ILE A 123 -0.13 -12.05 -28.89
C ILE A 123 -0.57 -11.81 -30.34
N GLU A 124 -0.12 -12.70 -31.23
CA GLU A 124 -0.47 -12.57 -32.65
C GLU A 124 -1.96 -12.69 -32.94
N GLU A 125 -2.63 -13.53 -32.15
CA GLU A 125 -4.07 -13.73 -32.31
C GLU A 125 -4.85 -12.55 -31.74
N LEU A 126 -4.43 -12.03 -30.58
CA LEU A 126 -5.21 -10.99 -29.88
C LEU A 126 -4.92 -9.59 -30.35
N LYS A 127 -3.70 -9.36 -30.81
CA LYS A 127 -3.31 -8.06 -31.37
C LYS A 127 -3.64 -6.94 -30.39
N GLU A 128 -4.34 -5.90 -30.84
CA GLU A 128 -4.65 -4.73 -30.00
C GLU A 128 -5.36 -5.04 -28.68
N GLU A 129 -5.97 -6.20 -28.56
CA GLU A 129 -6.59 -6.56 -27.28
C GLU A 129 -5.56 -6.86 -26.19
N VAL A 130 -4.31 -7.10 -26.56
CA VAL A 130 -3.28 -7.28 -25.55
C VAL A 130 -2.95 -5.92 -24.95
N ALA A 131 -3.14 -5.79 -23.64
CA ALA A 131 -2.80 -4.54 -22.97
C ALA A 131 -1.39 -4.63 -22.39
N ILE A 132 -1.02 -5.82 -21.95
CA ILE A 132 0.25 -6.04 -21.25
C ILE A 132 0.56 -7.52 -21.10
N VAL A 133 1.85 -7.82 -20.94
CA VAL A 133 2.33 -9.14 -20.67
C VAL A 133 3.05 -9.11 -19.33
N VAL A 134 2.72 -10.06 -18.45
CA VAL A 134 3.24 -10.05 -17.08
C VAL A 134 3.74 -11.46 -16.76
N PRO A 135 4.99 -11.74 -17.14
CA PRO A 135 5.54 -13.05 -16.77
C PRO A 135 5.95 -13.06 -15.30
N TYR A 136 5.99 -14.28 -14.74
CA TYR A 136 6.50 -14.49 -13.38
C TYR A 136 7.80 -15.30 -13.39
N ALA A 137 8.85 -14.81 -12.75
CA ALA A 137 10.13 -15.51 -12.70
C ALA A 137 10.02 -16.57 -11.59
N THR A 138 9.29 -17.62 -11.93
CA THR A 138 8.85 -18.64 -10.99
C THR A 138 9.90 -19.07 -9.98
N PHE A 139 9.52 -18.96 -8.72
CA PHE A 139 10.30 -19.39 -7.55
C PHE A 139 11.68 -18.74 -7.44
N GLY A 140 11.77 -17.48 -7.83
CA GLY A 140 13.00 -16.68 -7.64
C GLY A 140 14.13 -17.16 -8.53
N SER A 141 13.79 -17.52 -9.75
CA SER A 141 14.73 -18.19 -10.62
C SER A 141 15.09 -17.30 -11.78
N TRP A 142 16.03 -17.78 -12.57
CA TRP A 142 16.57 -17.02 -13.65
C TRP A 142 15.82 -17.26 -14.94
N MSE A 143 14.67 -16.61 -15.06
CA MSE A 143 13.86 -16.61 -16.29
C MSE A 143 14.48 -15.60 -17.22
O MSE A 143 14.42 -14.40 -16.97
CB MSE A 143 12.44 -16.25 -16.01
CG MSE A 143 11.55 -16.21 -17.23
SE MSE A 143 9.78 -15.66 -16.75
CE MSE A 143 10.09 -13.76 -16.40
N ASN A 144 15.07 -16.09 -18.30
CA ASN A 144 15.79 -15.24 -19.21
C ASN A 144 14.84 -14.24 -19.85
N LEU A 145 15.30 -12.99 -20.03
CA LEU A 145 14.43 -11.90 -20.47
C LEU A 145 14.66 -11.41 -21.90
N GLU A 146 15.55 -12.08 -22.66
CA GLU A 146 15.80 -11.75 -24.07
C GLU A 146 14.52 -11.59 -24.90
N GLU A 147 13.60 -12.54 -24.82
CA GLU A 147 12.41 -12.53 -25.65
C GLU A 147 11.43 -11.48 -25.19
N TYR A 148 11.44 -11.19 -23.88
CA TYR A 148 10.57 -10.17 -23.30
C TYR A 148 11.06 -8.79 -23.68
N GLU A 149 12.38 -8.66 -23.76
CA GLU A 149 12.98 -7.44 -24.23
C GLU A 149 12.56 -7.24 -25.68
N GLU A 150 12.40 -8.37 -26.40
CA GLU A 150 12.03 -8.29 -27.79
C GLU A 150 10.62 -7.75 -27.95
N LEU A 151 9.73 -8.22 -27.07
CA LEU A 151 8.34 -7.76 -27.02
C LEU A 151 8.30 -6.27 -26.77
N GLU A 152 9.12 -5.81 -25.83
CA GLU A 152 9.16 -4.38 -25.54
C GLU A 152 9.58 -3.62 -26.81
N LYS A 153 10.63 -4.08 -27.47
CA LYS A 153 11.06 -3.40 -28.67
C LYS A 153 9.96 -3.37 -29.73
N LYS A 154 9.08 -4.38 -29.78
CA LYS A 154 7.93 -4.41 -30.71
C LYS A 154 6.71 -3.59 -30.23
N GLY A 155 6.83 -2.85 -29.14
CA GLY A 155 5.69 -2.13 -28.58
C GLY A 155 4.73 -2.92 -27.72
N VAL A 156 5.09 -4.14 -27.33
CA VAL A 156 4.28 -4.88 -26.33
C VAL A 156 4.90 -4.75 -24.92
N PRO A 157 4.22 -4.04 -24.01
CA PRO A 157 4.75 -3.80 -22.67
C PRO A 157 4.82 -5.03 -21.78
N VAL A 158 5.93 -5.15 -21.06
CA VAL A 158 6.18 -6.27 -20.16
C VAL A 158 6.56 -5.77 -18.77
N VAL A 159 5.88 -6.29 -17.76
CA VAL A 159 6.18 -6.03 -16.39
C VAL A 159 6.37 -7.41 -15.81
N VAL A 160 7.59 -7.63 -15.32
CA VAL A 160 7.98 -8.95 -14.80
C VAL A 160 7.77 -9.02 -13.30
N ASP A 161 6.90 -9.95 -12.87
CA ASP A 161 6.76 -10.30 -11.45
C ASP A 161 7.92 -11.21 -11.03
N ALA A 162 8.88 -10.63 -10.34
CA ALA A 162 10.02 -11.32 -9.79
C ALA A 162 9.96 -11.15 -8.27
N ALA A 163 8.75 -11.19 -7.72
CA ALA A 163 8.51 -10.91 -6.29
C ALA A 163 9.49 -11.60 -5.37
N PRO A 164 9.78 -12.90 -5.58
CA PRO A 164 10.70 -13.53 -4.65
C PRO A 164 12.18 -13.58 -5.03
N GLY A 165 12.59 -12.80 -6.03
CA GLY A 165 13.89 -12.99 -6.65
C GLY A 165 14.89 -11.90 -6.42
N PHE A 166 14.65 -10.98 -5.49
CA PHE A 166 15.65 -9.96 -5.23
C PHE A 166 16.89 -10.62 -4.65
N GLY A 167 18.05 -10.18 -5.10
CA GLY A 167 19.29 -10.73 -4.67
C GLY A 167 19.75 -11.87 -5.55
N LEU A 168 18.97 -12.23 -6.58
CA LEU A 168 19.34 -13.32 -7.52
C LEU A 168 20.41 -12.87 -8.53
N MSE A 169 21.57 -13.49 -8.41
CA MSE A 169 22.76 -13.25 -9.22
C MSE A 169 23.10 -14.45 -10.08
O MSE A 169 22.97 -15.59 -9.65
CB MSE A 169 23.96 -13.06 -8.29
CG MSE A 169 23.76 -12.01 -7.22
SE MSE A 169 23.86 -10.30 -8.02
CE MSE A 169 24.79 -9.42 -6.58
N ASN A 170 23.62 -14.20 -11.28
CA ASN A 170 24.04 -15.28 -12.16
C ASN A 170 25.15 -14.71 -13.03
N GLY A 171 26.33 -15.28 -12.88
CA GLY A 171 27.51 -14.82 -13.59
C GLY A 171 27.80 -13.39 -13.22
N GLY A 172 27.60 -13.04 -11.96
CA GLY A 172 27.84 -11.69 -11.50
C GLY A 172 26.85 -10.64 -12.00
N MSE A 173 25.71 -11.05 -12.53
CA MSE A 173 24.74 -10.05 -12.93
C MSE A 173 23.49 -10.27 -12.12
O MSE A 173 23.08 -11.41 -11.89
CB MSE A 173 24.46 -10.17 -14.43
CG MSE A 173 23.06 -9.76 -14.86
SE MSE A 173 22.96 -9.69 -16.77
CE MSE A 173 21.16 -10.30 -17.01
N HIS A 174 22.88 -9.16 -11.67
CA HIS A 174 21.65 -9.23 -10.92
C HIS A 174 20.48 -9.48 -11.89
N TYR A 175 19.53 -10.30 -11.46
CA TYR A 175 18.37 -10.59 -12.26
C TYR A 175 17.64 -9.32 -12.64
N GLY A 176 17.41 -9.15 -13.95
CA GLY A 176 16.66 -8.04 -14.54
C GLY A 176 17.49 -6.90 -15.12
N GLN A 177 18.81 -7.00 -14.97
CA GLN A 177 19.73 -5.92 -15.35
C GLN A 177 19.43 -5.44 -16.76
N ASP A 178 19.33 -4.12 -16.93
CA ASP A 178 19.17 -3.48 -18.22
C ASP A 178 17.86 -3.79 -18.93
N PHE A 179 16.91 -4.43 -18.26
CA PHE A 179 15.63 -4.72 -18.92
C PHE A 179 14.89 -3.42 -19.22
N SER A 180 14.34 -3.34 -20.44
CA SER A 180 13.59 -2.16 -20.86
C SER A 180 12.26 -2.00 -20.17
N GLY A 181 11.62 -3.11 -19.83
CA GLY A 181 10.34 -3.06 -19.13
C GLY A 181 10.56 -2.77 -17.66
N MSE A 182 9.65 -3.26 -16.84
CA MSE A 182 9.76 -3.10 -15.40
C MSE A 182 9.84 -4.45 -14.72
O MSE A 182 9.26 -5.42 -15.22
CB MSE A 182 8.59 -2.28 -14.87
CG MSE A 182 8.86 -0.84 -15.05
SE MSE A 182 7.50 0.43 -14.63
CE MSE A 182 8.81 1.83 -14.36
N ILE A 183 10.60 -4.49 -13.63
CA ILE A 183 10.71 -5.67 -12.77
C ILE A 183 10.25 -5.29 -11.36
N ILE A 184 9.33 -6.08 -10.83
CA ILE A 184 8.82 -5.93 -9.49
C ILE A 184 9.40 -7.01 -8.56
N TYR A 185 9.89 -6.59 -7.41
CA TYR A 185 10.44 -7.46 -6.41
C TYR A 185 9.77 -7.11 -5.09
N SER A 186 9.73 -8.12 -4.23
CA SER A 186 9.13 -7.98 -2.91
C SER A 186 10.17 -8.02 -1.79
N PHE A 187 9.92 -7.24 -0.74
CA PHE A 187 10.70 -7.31 0.49
C PHE A 187 9.80 -7.80 1.67
N HIS A 188 8.73 -8.54 1.37
CA HIS A 188 7.92 -9.10 2.43
C HIS A 188 8.80 -9.96 3.34
N ALA A 189 8.45 -10.03 4.64
CA ALA A 189 9.30 -10.75 5.61
C ALA A 189 9.49 -12.22 5.28
N THR A 190 8.58 -12.82 4.54
CA THR A 190 8.69 -14.23 4.18
C THR A 190 9.55 -14.47 2.94
N1 LLP A 191 3.82 -11.87 -6.64
C2 LLP A 191 4.52 -13.00 -6.28
C2' LLP A 191 4.93 -13.97 -7.33
C3 LLP A 191 4.84 -13.21 -4.95
O3 LLP A 191 5.47 -14.23 -4.66
C4 LLP A 191 4.47 -12.26 -3.95
C4' LLP A 191 4.81 -12.47 -2.51
C5 LLP A 191 3.77 -11.12 -4.32
C6 LLP A 191 3.46 -10.95 -5.67
C5' LLP A 191 3.34 -10.07 -3.32
OP4 LLP A 191 4.39 -9.27 -2.70
P LLP A 191 4.09 -8.34 -1.43
OP1 LLP A 191 2.86 -7.58 -1.77
OP2 LLP A 191 3.92 -9.31 -0.33
OP3 LLP A 191 5.29 -7.45 -1.23
N LLP A 191 9.86 -13.43 2.19
CA LLP A 191 10.70 -13.56 1.02
CB LLP A 191 10.41 -12.47 -0.04
CG LLP A 191 8.95 -12.12 -0.28
CD LLP A 191 8.25 -12.99 -1.26
CE LLP A 191 6.74 -12.73 -1.18
NZ LLP A 191 6.06 -12.99 -2.45
C LLP A 191 12.18 -13.46 1.44
O LLP A 191 12.50 -12.96 2.50
N PRO A 192 13.11 -13.93 0.59
CA PRO A 192 14.50 -14.00 1.07
C PRO A 192 15.08 -12.65 1.49
N PHE A 193 14.93 -11.61 0.68
CA PHE A 193 15.31 -10.25 1.12
C PHE A 193 14.09 -9.67 1.85
N GLY A 194 13.94 -9.99 3.13
CA GLY A 194 12.72 -9.68 3.85
C GLY A 194 12.87 -8.68 4.96
N ILE A 195 12.07 -7.61 4.90
CA ILE A 195 12.13 -6.55 5.89
C ILE A 195 10.85 -6.33 6.70
N GLY A 196 9.77 -7.03 6.34
CA GLY A 196 8.44 -6.77 6.90
C GLY A 196 7.47 -6.63 5.75
N GLU A 197 7.13 -5.39 5.40
CA GLU A 197 6.42 -5.06 4.17
C GLU A 197 7.28 -4.10 3.34
N GLY A 198 7.35 -4.36 2.05
CA GLY A 198 8.08 -3.53 1.14
C GLY A 198 8.23 -4.16 -0.24
N GLY A 199 8.78 -3.41 -1.16
CA GLY A 199 9.05 -3.89 -2.50
C GLY A 199 9.88 -2.88 -3.25
N LEU A 200 10.21 -3.23 -4.50
CA LEU A 200 11.06 -2.43 -5.37
C LEU A 200 10.68 -2.63 -6.83
N ILE A 201 10.85 -1.56 -7.62
CA ILE A 201 10.71 -1.63 -9.07
C ILE A 201 12.00 -1.20 -9.70
N TYR A 202 12.48 -2.00 -10.66
CA TYR A 202 13.68 -1.64 -11.43
C TYR A 202 13.29 -1.48 -12.90
N SER A 203 13.90 -0.51 -13.57
CA SER A 203 13.84 -0.45 -15.03
C SER A 203 15.12 0.18 -15.53
N LYS A 204 15.51 -0.23 -16.71
CA LYS A 204 16.56 0.48 -17.39
C LYS A 204 16.03 1.88 -17.75
N ASN A 205 14.70 2.00 -17.87
CA ASN A 205 14.09 3.27 -18.26
C ASN A 205 13.89 4.20 -17.07
N GLU A 206 14.80 5.15 -16.92
CA GLU A 206 14.84 6.03 -15.77
C GLU A 206 13.64 6.93 -15.70
N GLU A 207 13.24 7.50 -16.84
CA GLU A 207 12.05 8.35 -16.89
C GLU A 207 10.82 7.59 -16.39
N ASP A 208 10.62 6.33 -16.80
CA ASP A 208 9.48 5.56 -16.31
C ASP A 208 9.48 5.41 -14.77
N ILE A 209 10.64 5.15 -14.22
CA ILE A 209 10.82 5.07 -12.77
C ILE A 209 10.50 6.40 -12.11
N GLN A 210 10.96 7.52 -12.68
CA GLN A 210 10.56 8.86 -12.16
C GLN A 210 9.04 9.01 -12.11
N ARG A 211 8.40 8.55 -13.17
CA ARG A 211 6.95 8.64 -13.25
C ARG A 211 6.30 7.75 -12.21
N ILE A 212 6.78 6.53 -12.04
CA ILE A 212 6.20 5.63 -11.03
C ILE A 212 6.30 6.31 -9.67
N LYS A 213 7.41 7.02 -9.44
CA LYS A 213 7.58 7.72 -8.18
C LYS A 213 6.43 8.69 -7.94
N ARG A 214 6.07 9.44 -8.97
CA ARG A 214 5.00 10.38 -8.86
C ARG A 214 3.68 9.66 -8.65
N MSE A 215 3.45 8.58 -9.41
CA MSE A 215 2.22 7.80 -9.25
C MSE A 215 1.99 7.30 -7.81
O MSE A 215 0.89 7.34 -7.31
CB MSE A 215 2.20 6.60 -10.22
CG MSE A 215 2.02 7.04 -11.63
SE MSE A 215 2.11 5.55 -12.87
CE MSE A 215 0.67 4.39 -12.06
N GLY A 216 3.05 6.87 -7.16
CA GLY A 216 2.96 6.42 -5.79
C GLY A 216 2.81 7.53 -4.76
N ASN A 217 2.83 8.79 -5.22
CA ASN A 217 2.58 9.98 -4.42
C ASN A 217 1.47 10.77 -5.12
N PHE A 218 0.36 10.08 -5.37
CA PHE A 218 -0.87 10.71 -5.84
C PHE A 218 -0.80 11.38 -7.22
N GLY A 219 0.12 10.92 -8.08
CA GLY A 219 0.27 11.58 -9.38
C GLY A 219 0.77 13.02 -9.34
N PHE A 220 1.38 13.41 -8.23
CA PHE A 220 1.77 14.80 -8.00
C PHE A 220 2.97 15.20 -8.77
N ASP A 221 2.88 16.39 -9.36
CA ASP A 221 3.99 17.10 -9.99
C ASP A 221 4.61 17.95 -8.93
N THR A 222 5.49 18.86 -9.31
CA THR A 222 6.24 19.60 -8.31
C THR A 222 5.39 20.65 -7.60
N ASN A 223 4.19 20.93 -8.11
CA ASN A 223 3.24 21.75 -7.37
C ASN A 223 2.31 20.96 -6.44
N ARG A 224 2.57 19.68 -6.30
CA ARG A 224 1.71 18.79 -5.53
C ARG A 224 0.29 18.88 -6.07
N GLU A 225 0.21 18.91 -7.39
CA GLU A 225 -1.03 18.81 -8.12
C GLU A 225 -1.09 17.46 -8.84
N CYS A 226 -2.28 16.88 -8.90
CA CYS A 226 -2.46 15.58 -9.51
C CYS A 226 -2.64 15.67 -11.03
N THR A 227 -1.66 15.16 -11.76
CA THR A 227 -1.68 15.24 -13.22
C THR A 227 -1.73 13.90 -13.94
N MSE A 228 -1.74 12.81 -13.17
CA MSE A 228 -1.83 11.46 -13.69
C MSE A 228 -2.42 10.49 -12.65
O MSE A 228 -2.45 10.77 -11.46
CB MSE A 228 -0.44 10.96 -14.08
CG MSE A 228 0.56 10.93 -12.90
SE MSE A 228 2.37 10.37 -13.44
CE MSE A 228 1.94 9.04 -14.69
N MSE A 229 -2.84 9.33 -13.12
CA MSE A 229 -3.35 8.27 -12.25
C MSE A 229 -2.30 7.96 -11.19
O MSE A 229 -1.10 8.00 -11.45
CB MSE A 229 -3.65 7.03 -13.08
CG MSE A 229 -4.36 5.93 -12.35
SE MSE A 229 -5.97 6.65 -11.59
CE MSE A 229 -6.65 4.95 -10.88
N GLY A 230 -2.75 7.69 -9.98
CA GLY A 230 -1.86 7.44 -8.88
C GLY A 230 -2.57 7.06 -7.61
N PHE A 231 -1.77 6.88 -6.58
CA PHE A 231 -2.29 6.49 -5.28
C PHE A 231 -1.17 6.67 -4.27
N ASN A 232 -1.24 5.97 -3.14
CA ASN A 232 -0.13 5.98 -2.17
C ASN A 232 0.47 4.61 -2.08
N CYS A 233 1.70 4.48 -2.53
CA CYS A 233 2.47 3.25 -2.31
C CYS A 233 3.87 3.59 -1.84
N LYS A 234 3.98 4.71 -1.11
CA LYS A 234 5.24 5.14 -0.51
C LYS A 234 5.66 4.23 0.64
N MSE A 235 6.94 3.93 0.63
CA MSE A 235 7.62 3.21 1.70
C MSE A 235 8.15 4.22 2.73
O MSE A 235 8.84 5.19 2.40
CB MSE A 235 8.79 2.40 1.12
CG MSE A 235 9.69 1.77 2.18
SE MSE A 235 11.19 0.73 1.57
CE MSE A 235 10.12 -0.73 0.94
N SER A 236 7.85 3.95 4.01
CA SER A 236 8.38 4.77 5.09
C SER A 236 9.93 4.76 5.20
N GLU A 237 10.44 5.77 5.89
CA GLU A 237 11.88 5.82 6.26
C GLU A 237 12.27 4.63 7.16
N TYR A 238 11.31 4.17 7.96
CA TYR A 238 11.55 3.08 8.87
C TYR A 238 11.78 1.76 8.11
N ALA A 239 10.91 1.46 7.16
CA ALA A 239 11.09 0.34 6.26
C ALA A 239 12.42 0.45 5.51
N ALA A 240 12.75 1.63 4.97
CA ALA A 240 14.07 1.80 4.30
C ALA A 240 15.24 1.52 5.23
N ALA A 241 15.10 1.92 6.50
CA ALA A 241 16.14 1.68 7.53
C ALA A 241 16.44 0.18 7.62
N ILE A 242 15.39 -0.64 7.69
CA ILE A 242 15.57 -2.08 7.77
C ILE A 242 16.15 -2.59 6.44
N GLY A 243 15.65 -2.07 5.33
CA GLY A 243 16.22 -2.47 4.04
C GLY A 243 17.72 -2.25 3.96
N ILE A 244 18.17 -1.08 4.39
CA ILE A 244 19.63 -0.82 4.35
C ILE A 244 20.42 -1.82 5.19
N ALA A 245 19.88 -2.19 6.35
CA ALA A 245 20.56 -3.11 7.25
C ALA A 245 20.53 -4.49 6.64
N THR A 246 19.47 -4.79 5.90
CA THR A 246 19.35 -6.07 5.25
C THR A 246 20.36 -6.19 4.10
N MSE A 247 20.69 -5.06 3.45
CA MSE A 247 21.74 -5.06 2.45
C MSE A 247 23.07 -5.41 3.08
O MSE A 247 23.87 -6.09 2.46
CB MSE A 247 21.90 -3.69 1.72
CG MSE A 247 20.83 -3.34 0.72
SE MSE A 247 20.91 -4.44 -0.86
CE MSE A 247 22.64 -3.80 -1.44
N LYS A 248 23.35 -4.93 4.29
CA LYS A 248 24.66 -5.22 4.86
C LYS A 248 24.78 -6.69 5.29
N LYS A 249 23.67 -7.33 5.65
CA LYS A 249 23.70 -8.74 6.09
C LYS A 249 23.28 -9.68 4.97
N TRP A 250 23.13 -9.15 3.76
CA TRP A 250 22.58 -9.94 2.69
C TRP A 250 23.47 -11.10 2.28
N ASP A 251 24.80 -10.94 2.40
CA ASP A 251 25.73 -12.01 2.00
C ASP A 251 25.50 -13.18 2.91
N ASP A 252 25.37 -12.89 4.21
CA ASP A 252 25.07 -13.88 5.22
C ASP A 252 23.74 -14.58 4.90
N LYS A 253 22.68 -13.82 4.65
CA LYS A 253 21.40 -14.44 4.38
C LYS A 253 21.45 -15.33 3.16
N LEU A 254 22.07 -14.83 2.10
CA LEU A 254 22.20 -15.60 0.87
C LEU A 254 23.04 -16.88 1.05
N LYS A 255 24.15 -16.76 1.78
CA LYS A 255 24.99 -17.91 2.09
C LYS A 255 24.20 -18.97 2.88
N GLU A 256 23.51 -18.56 3.93
CA GLU A 256 22.68 -19.46 4.73
C GLU A 256 21.69 -20.24 3.84
N ARG A 257 20.98 -19.52 2.96
CA ARG A 257 19.97 -20.16 2.08
C ARG A 257 20.58 -21.08 1.04
N THR A 258 21.70 -20.65 0.45
CA THR A 258 22.37 -21.49 -0.50
C THR A 258 22.82 -22.78 0.16
N ARG A 259 23.41 -22.68 1.35
CA ARG A 259 23.84 -23.87 2.07
C ARG A 259 22.70 -24.84 2.28
N ILE A 260 21.55 -24.34 2.73
CA ILE A 260 20.39 -25.21 3.00
C ILE A 260 19.91 -25.86 1.70
N SER A 261 19.87 -25.08 0.62
CA SER A 261 19.53 -25.61 -0.71
C SER A 261 20.46 -26.74 -1.14
N GLU A 262 21.78 -26.48 -1.03
CA GLU A 262 22.81 -27.47 -1.33
C GLU A 262 22.55 -28.75 -0.53
N TRP A 263 22.25 -28.61 0.76
CA TRP A 263 21.97 -29.79 1.60
C TRP A 263 20.76 -30.56 1.08
N TYR A 264 19.73 -29.82 0.71
CA TYR A 264 18.55 -30.45 0.17
C TYR A 264 18.92 -31.27 -1.07
N LYS A 265 19.73 -30.69 -1.95
CA LYS A 265 20.06 -31.35 -3.21
C LYS A 265 20.87 -32.61 -2.96
N GLN A 266 21.84 -32.50 -2.06
CA GLN A 266 22.69 -33.64 -1.73
C GLN A 266 21.90 -34.76 -1.07
N LEU A 267 21.04 -34.39 -0.13
CA LEU A 267 20.25 -35.39 0.61
C LEU A 267 19.21 -36.04 -0.26
N LEU A 268 18.62 -35.28 -1.18
CA LEU A 268 17.61 -35.84 -2.11
C LEU A 268 18.22 -36.86 -3.07
N GLN A 269 19.40 -36.53 -3.58
CA GLN A 269 20.14 -37.43 -4.44
C GLN A 269 20.63 -38.63 -3.63
N SER A 270 21.33 -38.38 -2.53
CA SER A 270 21.83 -39.47 -1.69
C SER A 270 20.72 -40.41 -1.21
N ASN A 271 19.54 -39.90 -0.88
CA ASN A 271 18.46 -40.80 -0.49
C ASN A 271 17.69 -41.41 -1.68
N GLY A 272 18.18 -41.24 -2.91
CA GLY A 272 17.57 -41.86 -4.09
C GLY A 272 16.26 -41.24 -4.61
N LEU A 273 15.89 -40.07 -4.10
CA LEU A 273 14.61 -39.48 -4.45
C LEU A 273 14.55 -39.05 -5.90
N MSE A 274 15.67 -38.56 -6.44
CA MSE A 274 15.69 -38.22 -7.85
C MSE A 274 15.43 -39.49 -8.65
O MSE A 274 14.62 -39.49 -9.60
CB MSE A 274 17.03 -37.62 -8.30
CG MSE A 274 17.65 -36.59 -7.39
SE MSE A 274 16.47 -35.20 -6.88
CE MSE A 274 16.24 -34.30 -8.59
N LYS A 275 16.08 -40.60 -8.26
CA LYS A 275 15.89 -41.86 -8.94
C LYS A 275 14.40 -42.27 -8.93
N LYS A 276 13.68 -41.95 -7.85
CA LYS A 276 12.28 -42.36 -7.68
C LYS A 276 11.26 -41.46 -8.38
N GLY A 277 11.74 -40.41 -9.05
CA GLY A 277 10.89 -39.55 -9.87
C GLY A 277 10.62 -38.16 -9.33
N TRP A 278 11.29 -37.77 -8.26
CA TRP A 278 11.16 -36.42 -7.74
C TRP A 278 12.00 -35.51 -8.59
N GLN A 279 11.52 -34.31 -8.92
CA GLN A 279 12.33 -33.41 -9.73
C GLN A 279 12.23 -31.94 -9.39
N LEU A 280 13.37 -31.28 -9.60
CA LEU A 280 13.58 -29.88 -9.31
C LEU A 280 13.35 -29.04 -10.56
N GLN A 281 13.27 -27.73 -10.37
CA GLN A 281 13.06 -26.80 -11.48
C GLN A 281 14.26 -26.79 -12.43
N LYS A 282 14.03 -26.75 -13.73
CA LYS A 282 15.12 -26.61 -14.67
C LYS A 282 15.44 -25.12 -14.80
N THR A 283 16.47 -24.67 -14.10
CA THR A 283 16.87 -23.26 -14.17
C THR A 283 18.36 -23.06 -13.88
N GLU A 284 18.95 -21.98 -14.40
CA GLU A 284 20.40 -21.76 -14.22
C GLU A 284 20.75 -21.27 -12.80
N ALA A 285 19.85 -20.55 -12.16
CA ALA A 285 20.14 -19.94 -10.89
C ALA A 285 18.82 -19.68 -10.18
N VAL A 286 18.82 -19.82 -8.86
CA VAL A 286 17.62 -19.61 -8.09
C VAL A 286 18.01 -19.13 -6.72
N ILE A 287 17.21 -18.27 -6.13
CA ILE A 287 17.35 -17.96 -4.71
C ILE A 287 16.05 -18.46 -4.06
N GLN A 288 16.18 -19.20 -2.97
CA GLN A 288 15.06 -19.99 -2.47
C GLN A 288 14.35 -19.53 -1.17
N GLN A 289 13.08 -19.27 -1.34
CA GLN A 289 12.13 -18.92 -0.29
C GLN A 289 11.71 -20.20 0.45
N PHE A 290 11.62 -21.27 -0.32
CA PHE A 290 11.27 -22.62 0.14
C PHE A 290 11.86 -23.54 -0.94
N MSE A 291 11.71 -24.87 -0.78
CA MSE A 291 12.31 -25.81 -1.72
C MSE A 291 11.17 -26.39 -2.56
O MSE A 291 10.39 -27.23 -2.09
CB MSE A 291 13.11 -26.89 -0.96
CG MSE A 291 13.59 -28.06 -1.83
SE MSE A 291 14.58 -27.55 -3.39
CE MSE A 291 16.05 -26.78 -2.46
N PRO A 292 11.04 -25.92 -3.81
CA PRO A 292 10.01 -26.47 -4.67
C PRO A 292 10.48 -27.78 -5.32
N ILE A 293 9.56 -28.75 -5.43
CA ILE A 293 9.91 -30.03 -6.02
C ILE A 293 8.65 -30.70 -6.56
N LEU A 294 8.81 -31.42 -7.67
CA LEU A 294 7.70 -32.19 -8.19
C LEU A 294 7.81 -33.55 -7.56
N CYS A 295 6.70 -34.05 -7.04
CA CYS A 295 6.69 -35.38 -6.51
C CYS A 295 6.54 -36.33 -7.70
N PRO A 296 6.71 -37.63 -7.50
CA PRO A 296 6.55 -38.58 -8.61
C PRO A 296 5.14 -38.58 -9.24
N GLU A 297 5.08 -38.80 -10.56
CA GLU A 297 3.83 -38.87 -11.35
C GLU A 297 2.71 -39.66 -10.68
N GLU A 298 3.04 -40.77 -10.02
CA GLU A 298 2.00 -41.64 -9.44
C GLU A 298 1.59 -41.23 -8.05
N VAL A 299 2.20 -40.18 -7.54
CA VAL A 299 1.94 -39.69 -6.19
C VAL A 299 1.19 -38.38 -6.29
N ARG A 300 0.16 -38.22 -5.46
CA ARG A 300 -0.60 -36.96 -5.38
C ARG A 300 0.12 -36.01 -4.39
N ASN A 301 0.42 -34.80 -4.85
CA ASN A 301 1.19 -33.88 -4.03
C ASN A 301 0.47 -33.61 -2.70
N LYS A 302 -0.84 -33.59 -2.70
CA LYS A 302 -1.50 -33.33 -1.43
C LYS A 302 -1.41 -34.50 -0.45
N GLN A 303 -1.20 -35.72 -0.94
CA GLN A 303 -0.83 -36.84 -0.06
C GLN A 303 0.51 -36.62 0.59
N VAL A 304 1.46 -36.06 -0.14
CA VAL A 304 2.75 -35.67 0.41
C VAL A 304 2.57 -34.67 1.58
N ILE A 305 1.67 -33.70 1.42
CA ILE A 305 1.33 -32.75 2.50
C ILE A 305 0.82 -33.46 3.75
N GLU A 306 -0.18 -34.31 3.56
CA GLU A 306 -0.82 -34.95 4.70
C GLU A 306 0.14 -35.97 5.35
N ASP A 307 1.01 -36.57 4.55
CA ASP A 307 2.06 -37.45 5.07
C ASP A 307 3.12 -36.69 5.87
N LEU A 308 3.65 -35.60 5.34
CA LEU A 308 4.59 -34.82 6.13
C LEU A 308 3.91 -34.27 7.38
N LYS A 309 2.63 -33.95 7.27
CA LYS A 309 1.91 -33.28 8.35
C LYS A 309 1.86 -34.13 9.59
N LYS A 310 1.52 -35.40 9.40
CA LYS A 310 1.49 -36.31 10.52
C LYS A 310 2.88 -36.70 11.04
N GLN A 311 3.95 -36.22 10.39
CA GLN A 311 5.32 -36.34 10.91
C GLN A 311 5.82 -34.98 11.44
N LYS A 312 4.86 -34.10 11.76
CA LYS A 312 5.11 -32.78 12.34
C LYS A 312 5.75 -31.76 11.39
N ILE A 313 5.68 -32.02 10.08
CA ILE A 313 6.30 -31.14 9.09
C ILE A 313 5.26 -30.46 8.21
N GLU A 314 5.28 -29.14 8.22
CA GLU A 314 4.35 -28.37 7.40
C GLU A 314 4.98 -28.00 6.03
N ALA A 315 4.54 -28.69 4.98
CA ALA A 315 4.83 -28.30 3.59
C ALA A 315 3.62 -27.55 3.09
N ARG A 316 3.74 -26.89 1.95
CA ARG A 316 2.60 -26.30 1.27
C ARG A 316 2.61 -26.67 -0.21
N LEU A 317 1.63 -26.16 -0.96
CA LEU A 317 1.47 -26.44 -2.38
C LEU A 317 1.34 -25.13 -3.18
N TYR A 318 2.46 -24.45 -3.40
CA TYR A 318 2.52 -23.30 -4.28
C TYR A 318 2.84 -23.75 -5.73
N PHE A 319 1.90 -23.73 -6.68
CA PHE A 319 0.58 -23.16 -6.62
C PHE A 319 -0.45 -24.21 -7.00
N SER A 320 -1.12 -24.72 -6.00
CA SER A 320 -2.15 -25.71 -6.24
C SER A 320 -3.17 -25.51 -5.13
N PRO A 321 -4.38 -24.97 -5.46
CA PRO A 321 -4.83 -24.58 -6.80
C PRO A 321 -4.01 -23.48 -7.44
N SER A 322 -3.83 -23.59 -8.76
CA SER A 322 -3.28 -22.48 -9.51
C SER A 322 -4.34 -21.40 -9.61
N CYS A 323 -3.95 -20.21 -10.10
CA CYS A 323 -4.87 -19.07 -10.15
C CYS A 323 -6.13 -19.44 -10.90
N HIS A 324 -6.00 -20.06 -12.07
CA HIS A 324 -7.14 -20.37 -12.91
C HIS A 324 -8.09 -21.33 -12.20
N GLN A 325 -7.57 -22.04 -11.20
CA GLN A 325 -8.38 -23.00 -10.41
C GLN A 325 -9.02 -22.36 -9.15
N GLN A 326 -8.57 -21.18 -8.77
CA GLN A 326 -9.11 -20.49 -7.60
C GLN A 326 -10.37 -19.73 -7.94
N VAL A 327 -11.27 -19.67 -6.96
CA VAL A 327 -12.61 -19.14 -7.17
C VAL A 327 -12.62 -17.84 -7.95
N LEU A 328 -11.77 -16.89 -7.58
CA LEU A 328 -11.93 -15.56 -8.19
C LEU A 328 -11.59 -15.52 -9.67
N PHE A 329 -10.75 -16.44 -10.14
CA PHE A 329 -10.20 -16.34 -11.48
C PHE A 329 -10.67 -17.41 -12.44
N ARG A 330 -11.62 -18.22 -12.04
CA ARG A 330 -12.04 -19.39 -12.84
C ARG A 330 -12.58 -19.07 -14.19
N ASN A 331 -13.22 -17.92 -14.33
CA ASN A 331 -13.89 -17.60 -15.56
C ASN A 331 -13.10 -16.71 -16.50
N TYR A 332 -11.85 -16.38 -16.19
CA TYR A 332 -11.04 -15.63 -17.13
C TYR A 332 -10.56 -16.54 -18.24
N LYS A 333 -10.37 -15.95 -19.42
CA LYS A 333 -9.91 -16.70 -20.59
C LYS A 333 -8.50 -17.26 -20.37
N SER A 334 -8.19 -18.33 -21.12
CA SER A 334 -6.88 -18.94 -21.10
C SER A 334 -6.66 -19.71 -22.37
N THR A 335 -5.40 -20.01 -22.65
CA THR A 335 -5.03 -21.00 -23.63
C THR A 335 -5.35 -22.31 -22.94
N ASP A 336 -5.18 -23.43 -23.63
CA ASP A 336 -5.14 -24.73 -22.98
C ASP A 336 -4.08 -24.69 -21.88
N LEU A 337 -4.41 -25.28 -20.72
CA LEU A 337 -3.56 -25.22 -19.53
C LEU A 337 -3.14 -26.62 -19.04
N THR A 338 -2.99 -27.55 -19.98
CA THR A 338 -2.66 -28.94 -19.62
C THR A 338 -1.38 -29.08 -18.78
N ARG A 339 -0.33 -28.35 -19.12
CA ARG A 339 0.91 -28.44 -18.33
C ARG A 339 0.77 -27.82 -16.94
N THR A 340 0.10 -26.66 -16.86
CA THR A 340 -0.14 -25.99 -15.57
C THR A 340 -0.89 -26.95 -14.66
N ASN A 341 -1.89 -27.62 -15.19
CA ASN A 341 -2.65 -28.58 -14.39
C ASN A 341 -1.78 -29.71 -13.88
N LYS A 342 -0.95 -30.22 -14.75
CA LYS A 342 -0.09 -31.30 -14.37
C LYS A 342 0.89 -30.85 -13.26
N ILE A 343 1.57 -29.73 -13.47
CA ILE A 343 2.53 -29.23 -12.46
C ILE A 343 1.83 -28.93 -11.13
N ALA A 344 0.56 -28.53 -11.19
CA ALA A 344 -0.21 -28.22 -9.99
C ALA A 344 -0.65 -29.51 -9.29
N LYS A 345 -0.62 -30.66 -9.98
CA LYS A 345 -0.87 -31.95 -9.30
C LYS A 345 0.38 -32.54 -8.64
N ARG A 346 1.56 -32.05 -9.03
CA ARG A 346 2.82 -32.60 -8.61
C ARG A 346 3.66 -31.69 -7.72
N ILE A 347 3.45 -30.38 -7.80
CA ILE A 347 4.26 -29.43 -7.04
C ILE A 347 4.06 -29.56 -5.52
N VAL A 348 5.18 -29.49 -4.80
CA VAL A 348 5.25 -29.47 -3.33
C VAL A 348 6.24 -28.38 -2.93
N SER A 349 5.92 -27.65 -1.84
CA SER A 349 6.76 -26.58 -1.31
C SER A 349 7.32 -27.03 0.03
N LEU A 350 8.63 -27.30 0.08
CA LEU A 350 9.19 -27.87 1.30
C LEU A 350 9.84 -26.76 2.10
N PRO A 351 9.79 -26.87 3.43
CA PRO A 351 10.29 -25.78 4.21
C PRO A 351 11.78 -25.55 4.06
N LEU A 352 12.12 -24.28 4.06
CA LEU A 352 13.47 -23.80 4.03
C LEU A 352 13.43 -22.43 4.68
N TRP A 353 14.25 -22.20 5.71
CA TRP A 353 14.34 -20.89 6.36
C TRP A 353 15.67 -20.79 7.08
N GLU A 354 16.06 -19.55 7.38
CA GLU A 354 17.33 -19.27 8.03
C GLU A 354 17.32 -19.97 9.36
N GLY A 355 18.36 -20.73 9.63
CA GLY A 355 18.46 -21.46 10.88
C GLY A 355 18.20 -22.91 10.67
N MSE A 356 17.58 -23.29 9.57
CA MSE A 356 17.40 -24.72 9.31
C MSE A 356 18.75 -25.49 9.37
O MSE A 356 19.71 -25.10 8.69
CB MSE A 356 16.73 -24.95 7.97
CG MSE A 356 16.20 -26.36 7.87
SE MSE A 356 15.02 -26.49 6.40
CE MSE A 356 13.47 -25.66 7.14
N THR A 357 18.83 -26.55 10.16
CA THR A 357 20.05 -27.36 10.27
C THR A 357 20.08 -28.50 9.28
N LYS A 358 21.27 -29.02 8.98
CA LYS A 358 21.36 -30.15 8.07
C LYS A 358 20.54 -31.34 8.56
N GLU A 359 20.48 -31.51 9.87
CA GLU A 359 19.69 -32.60 10.43
C GLU A 359 18.19 -32.36 10.21
N ILE A 360 17.77 -31.09 10.14
CA ILE A 360 16.36 -30.82 9.83
C ILE A 360 16.04 -31.15 8.38
N VAL A 361 16.90 -30.75 7.43
CA VAL A 361 16.69 -31.15 6.02
C VAL A 361 16.58 -32.69 5.90
N GLU A 362 17.54 -33.39 6.51
CA GLU A 362 17.56 -34.86 6.54
C GLU A 362 16.24 -35.47 7.07
N GLN A 363 15.76 -35.01 8.22
CA GLN A 363 14.43 -35.41 8.68
C GLN A 363 13.48 -35.36 7.51
N ILE A 364 13.43 -34.19 6.86
CA ILE A 364 12.43 -33.90 5.85
C ILE A 364 12.59 -34.83 4.66
N VAL A 365 13.80 -34.85 4.12
CA VAL A 365 14.08 -35.66 2.95
C VAL A 365 13.80 -37.12 3.23
N ILE A 366 14.22 -37.61 4.40
CA ILE A 366 13.94 -38.99 4.83
C ILE A 366 12.44 -39.30 4.83
N CYS A 367 11.63 -38.36 5.31
CA CYS A 367 10.17 -38.52 5.29
C CYS A 367 9.61 -38.61 3.88
N LEU A 368 10.18 -37.85 2.95
CA LEU A 368 9.77 -37.97 1.55
C LEU A 368 10.06 -39.39 1.04
N GLY A 369 11.22 -39.93 1.41
CA GLY A 369 11.60 -41.28 1.01
C GLY A 369 10.74 -42.39 1.61
N GLN A 370 9.91 -42.05 2.60
CA GLN A 370 9.01 -43.01 3.27
C GLN A 370 9.70 -43.60 4.49
N GLU B 3 15.48 29.37 11.47
CA GLU B 3 15.75 30.56 10.60
C GLU B 3 14.52 30.93 9.73
N ASN B 4 13.73 29.91 9.35
CA ASN B 4 12.43 30.09 8.66
C ASN B 4 11.37 29.24 9.33
N ILE B 5 10.11 29.47 8.99
CA ILE B 5 9.03 28.67 9.56
C ILE B 5 8.48 27.74 8.47
N PRO B 6 8.76 26.44 8.57
CA PRO B 6 8.28 25.54 7.52
C PRO B 6 6.81 25.20 7.74
N PHE B 7 6.16 24.69 6.72
CA PHE B 7 4.79 24.31 6.84
C PHE B 7 4.65 23.12 7.77
N LEU B 8 5.45 22.09 7.47
CA LEU B 8 5.45 20.78 8.12
C LEU B 8 6.70 20.55 8.93
N ARG B 9 6.53 20.12 10.17
CA ARG B 9 7.61 19.59 10.98
C ARG B 9 7.02 18.47 11.80
N ALA B 10 7.16 17.28 11.27
CA ALA B 10 6.57 16.10 11.87
C ALA B 10 7.45 15.72 13.07
N SER B 11 6.85 15.13 14.10
CA SER B 11 7.53 14.62 15.27
C SER B 11 6.86 13.34 15.75
N THR B 12 7.29 12.20 15.24
CA THR B 12 6.76 10.94 15.67
C THR B 12 7.50 10.60 16.98
N VAL B 13 6.96 9.65 17.73
CA VAL B 13 7.61 9.21 18.97
C VAL B 13 8.99 8.63 18.65
N PRO B 14 10.00 8.95 19.46
CA PRO B 14 11.36 8.47 19.21
C PRO B 14 11.53 6.99 19.54
N VAL B 15 12.59 6.40 18.99
CA VAL B 15 12.79 4.94 19.05
C VAL B 15 12.70 4.38 20.47
N ILE B 16 13.18 5.11 21.46
CA ILE B 16 13.08 4.62 22.85
C ILE B 16 11.66 4.20 23.32
N GLU B 17 10.63 4.80 22.73
CA GLU B 17 9.27 4.57 23.16
C GLU B 17 8.67 3.26 22.66
N TYR B 18 9.19 2.74 21.54
CA TYR B 18 8.73 1.47 20.97
C TYR B 18 9.85 0.40 20.84
N LEU B 19 11.02 0.65 21.40
CA LEU B 19 12.12 -0.34 21.45
C LEU B 19 11.72 -1.67 22.10
N ASP B 20 10.98 -1.64 23.21
CA ASP B 20 10.48 -2.91 23.83
C ASP B 20 9.75 -3.74 22.76
N GLU B 21 8.85 -3.08 22.04
CA GLU B 21 8.05 -3.73 21.00
C GLU B 21 8.88 -4.30 19.84
N LEU B 22 9.92 -3.57 19.46
CA LEU B 22 10.82 -4.05 18.43
C LEU B 22 11.47 -5.34 18.90
N LYS B 23 11.97 -5.35 20.12
CA LYS B 23 12.50 -6.60 20.67
C LYS B 23 11.40 -7.70 20.79
N GLU B 24 10.15 -7.37 21.07
CA GLU B 24 9.14 -8.45 21.04
C GLU B 24 9.03 -9.00 19.64
N ILE B 25 9.03 -8.11 18.66
CA ILE B 25 8.91 -8.54 17.27
C ILE B 25 10.08 -9.48 16.90
N ASP B 26 11.31 -9.11 17.29
CA ASP B 26 12.50 -9.87 16.99
C ASP B 26 12.44 -11.25 17.64
N ALA B 27 11.97 -11.30 18.89
CA ALA B 27 11.80 -12.57 19.61
C ALA B 27 10.74 -13.41 18.97
N SER B 28 9.69 -12.80 18.46
CA SER B 28 8.53 -13.59 18.01
C SER B 28 8.74 -14.08 16.59
N HIS B 29 9.58 -13.38 15.82
CA HIS B 29 9.76 -13.71 14.40
C HIS B 29 8.44 -13.64 13.60
N ILE B 30 7.55 -12.73 13.98
CA ILE B 30 6.37 -12.39 13.22
C ILE B 30 6.46 -10.91 12.97
N TYR B 31 6.43 -10.55 11.69
CA TYR B 31 6.77 -9.19 11.25
C TYR B 31 5.69 -8.47 10.50
N THR B 32 4.68 -9.19 10.02
CA THR B 32 3.54 -8.55 9.38
C THR B 32 2.37 -9.56 9.31
N ASN B 33 1.35 -9.26 8.49
CA ASN B 33 0.15 -10.09 8.32
C ASN B 33 -0.68 -10.28 9.59
N TYR B 34 -1.15 -9.16 10.13
CA TYR B 34 -2.04 -9.14 11.29
C TYR B 34 -1.40 -9.83 12.47
N GLY B 35 -0.13 -9.56 12.70
CA GLY B 35 0.60 -10.18 13.79
C GLY B 35 0.18 -9.62 15.17
N PRO B 36 0.84 -10.07 16.24
CA PRO B 36 0.38 -9.81 17.61
C PRO B 36 0.37 -8.37 18.05
N ILE B 37 1.38 -7.64 17.62
CA ILE B 37 1.50 -6.21 17.90
C ILE B 37 0.40 -5.45 17.13
N ASN B 38 0.18 -5.82 15.88
CA ASN B 38 -0.93 -5.24 15.17
C ASN B 38 -2.27 -5.48 15.87
N GLN B 39 -2.52 -6.69 16.32
CA GLN B 39 -3.76 -6.99 17.08
C GLN B 39 -3.84 -6.22 18.39
N ARG B 40 -2.72 -6.05 19.05
CA ARG B 40 -2.70 -5.33 20.31
C ARG B 40 -2.98 -3.85 20.08
N PHE B 41 -2.44 -3.31 19.00
CA PHE B 41 -2.72 -1.93 18.59
C PHE B 41 -4.24 -1.77 18.31
N GLU B 42 -4.81 -2.68 17.53
CA GLU B 42 -6.25 -2.61 17.21
C GLU B 42 -7.09 -2.71 18.50
N GLN B 43 -6.69 -3.62 19.40
CA GLN B 43 -7.37 -3.79 20.67
C GLN B 43 -7.28 -2.53 21.55
N THR B 44 -6.12 -1.93 21.60
CA THR B 44 -5.95 -0.69 22.33
C THR B 44 -6.83 0.42 21.82
N ILE B 45 -6.94 0.53 20.50
CA ILE B 45 -7.75 1.56 19.87
C ILE B 45 -9.22 1.30 20.22
N MSE B 46 -9.69 0.07 20.03
CA MSE B 46 -11.09 -0.26 20.39
C MSE B 46 -11.44 0.08 21.84
O MSE B 46 -12.56 0.49 22.12
CB MSE B 46 -11.38 -1.73 20.15
CG MSE B 46 -11.54 -2.11 18.70
SE MSE B 46 -12.84 -1.05 17.80
CE MSE B 46 -14.37 -1.23 18.97
N SER B 47 -10.49 -0.13 22.75
CA SER B 47 -10.69 0.15 24.18
C SER B 47 -10.58 1.61 24.57
N GLY B 48 -9.54 2.27 24.05
CA GLY B 48 -9.27 3.67 24.38
C GLY B 48 -10.08 4.69 23.61
N PHE B 49 -10.54 4.35 22.40
CA PHE B 49 -11.28 5.33 21.60
C PHE B 49 -12.70 4.91 21.29
N PHE B 50 -12.95 3.63 21.08
CA PHE B 50 -14.24 3.21 20.52
C PHE B 50 -15.19 2.47 21.46
N GLN B 51 -14.89 2.49 22.74
CA GLN B 51 -15.79 1.97 23.77
C GLN B 51 -16.09 0.48 23.54
N ASN B 52 -15.13 -0.22 22.96
CA ASN B 52 -15.33 -1.63 22.58
C ASN B 52 -16.62 -1.90 21.82
N ARG B 53 -17.10 -0.92 21.06
CA ARG B 53 -18.21 -1.18 20.14
C ARG B 53 -17.75 -0.98 18.69
N GLY B 54 -18.00 -1.98 17.85
CA GLY B 54 -17.58 -2.02 16.48
C GLY B 54 -16.26 -2.75 16.32
N ALA B 55 -15.48 -2.33 15.34
CA ALA B 55 -14.26 -3.02 15.00
C ALA B 55 -13.39 -2.15 14.11
N VAL B 56 -12.08 -2.37 14.19
CA VAL B 56 -11.13 -1.65 13.37
C VAL B 56 -10.19 -2.60 12.65
N THR B 57 -9.64 -2.14 11.54
CA THR B 57 -8.49 -2.81 10.98
C THR B 57 -7.49 -1.77 10.59
N THR B 58 -6.24 -2.04 10.90
CA THR B 58 -5.19 -1.23 10.33
C THR B 58 -5.09 -1.56 8.82
N VAL B 59 -4.47 -0.62 8.10
CA VAL B 59 -4.18 -0.73 6.68
C VAL B 59 -2.83 -0.03 6.52
N ALA B 60 -2.12 -0.27 5.42
CA ALA B 60 -0.77 0.31 5.20
C ALA B 60 -0.77 1.82 5.05
N ASN B 61 -1.85 2.36 4.49
CA ASN B 61 -2.09 3.81 4.45
C ASN B 61 -3.57 4.08 4.19
N ALA B 62 -4.02 5.31 4.47
CA ALA B 62 -5.45 5.65 4.43
C ALA B 62 -5.98 5.60 3.02
N THR B 63 -5.12 5.89 2.05
CA THR B 63 -5.50 5.81 0.63
C THR B 63 -5.88 4.37 0.23
N LEU B 64 -5.09 3.40 0.67
CA LEU B 64 -5.41 2.00 0.45
C LEU B 64 -6.68 1.63 1.21
N GLY B 65 -6.88 2.22 2.40
CA GLY B 65 -8.10 1.96 3.16
C GLY B 65 -9.32 2.43 2.44
N LEU B 66 -9.27 3.64 1.87
CA LEU B 66 -10.40 4.15 1.03
C LEU B 66 -10.70 3.18 -0.14
N MSE B 67 -9.62 2.78 -0.84
CA MSE B 67 -9.76 1.83 -1.94
C MSE B 67 -10.46 0.55 -1.46
O MSE B 67 -11.45 0.10 -2.06
CB MSE B 67 -8.41 1.52 -2.55
CG MSE B 67 -7.80 2.74 -3.23
SE MSE B 67 -5.98 2.51 -3.74
CE MSE B 67 -6.18 1.01 -4.95
N ALA B 68 -9.96 -0.04 -0.35
CA ALA B 68 -10.56 -1.26 0.16
C ALA B 68 -12.01 -1.04 0.55
N ALA B 69 -12.30 0.05 1.27
CA ALA B 69 -13.67 0.27 1.77
C ALA B 69 -14.63 0.50 0.64
N ILE B 70 -14.19 1.27 -0.35
CA ILE B 70 -15.06 1.58 -1.51
C ILE B 70 -15.27 0.35 -2.36
N GLN B 71 -14.21 -0.44 -2.55
CA GLN B 71 -14.34 -1.65 -3.36
C GLN B 71 -15.31 -2.62 -2.68
N LEU B 72 -15.18 -2.77 -1.37
CA LEU B 72 -16.11 -3.65 -0.68
C LEU B 72 -17.55 -3.11 -0.69
N LYS B 73 -17.76 -1.83 -0.47
CA LYS B 73 -19.12 -1.33 -0.15
C LYS B 73 -19.90 -0.79 -1.32
N LYS B 74 -19.24 -0.46 -2.42
CA LYS B 74 -19.93 0.17 -3.54
C LYS B 74 -21.09 -0.70 -4.05
N ARG B 75 -22.16 -0.09 -4.51
CA ARG B 75 -23.24 -0.84 -5.15
C ARG B 75 -22.82 -1.34 -6.54
N LYS B 76 -23.17 -2.60 -6.81
CA LYS B 76 -22.72 -3.34 -7.99
C LYS B 76 -23.00 -2.63 -9.32
N LYS B 77 -24.20 -2.06 -9.44
CA LYS B 77 -24.59 -1.44 -10.69
C LYS B 77 -24.35 0.06 -10.74
N GLY B 78 -23.90 0.65 -9.64
CA GLY B 78 -23.64 2.09 -9.59
C GLY B 78 -22.43 2.45 -10.41
N LYS B 79 -22.29 3.72 -10.73
CA LYS B 79 -21.23 4.24 -11.57
C LYS B 79 -20.45 5.40 -10.90
N TYR B 80 -21.15 6.17 -10.07
CA TYR B 80 -20.57 7.35 -9.45
C TYR B 80 -20.31 7.21 -7.97
N ALA B 81 -19.22 7.86 -7.57
CA ALA B 81 -18.86 8.06 -6.17
C ALA B 81 -19.14 9.55 -5.88
N LEU B 82 -20.22 9.81 -5.17
CA LEU B 82 -20.62 11.21 -4.87
C LEU B 82 -19.72 11.75 -3.71
N MSE B 83 -18.99 12.83 -3.99
CA MSE B 83 -18.00 13.35 -3.05
C MSE B 83 -17.71 14.83 -3.33
O MSE B 83 -17.98 15.32 -4.42
CB MSE B 83 -16.68 12.57 -3.18
CG MSE B 83 -16.01 12.67 -4.58
SE MSE B 83 -14.20 11.94 -4.70
CE MSE B 83 -14.74 10.07 -4.48
N PRO B 84 -17.12 15.54 -2.36
CA PRO B 84 -16.71 16.93 -2.62
C PRO B 84 -15.52 17.05 -3.56
N SER B 85 -15.43 18.17 -4.27
CA SER B 85 -14.20 18.51 -4.95
C SER B 85 -13.20 19.02 -3.93
N PHE B 86 -13.72 19.66 -2.87
CA PHE B 86 -12.86 20.22 -1.83
C PHE B 86 -12.39 19.13 -0.86
N THR B 87 -11.41 18.36 -1.32
CA THR B 87 -10.80 17.28 -0.56
C THR B 87 -9.40 16.99 -1.12
N PHE B 88 -8.67 16.09 -0.50
CA PHE B 88 -7.31 15.75 -0.95
C PHE B 88 -7.46 14.79 -2.15
N PRO B 89 -6.57 14.89 -3.14
CA PRO B 89 -6.71 13.99 -4.32
C PRO B 89 -6.81 12.50 -4.08
N ALA B 90 -6.42 12.01 -2.90
CA ALA B 90 -6.53 10.61 -2.56
C ALA B 90 -7.99 10.13 -2.68
N THR B 91 -8.92 10.99 -2.34
CA THR B 91 -10.33 10.62 -2.28
C THR B 91 -10.88 10.24 -3.66
N PRO B 92 -10.85 11.16 -4.65
CA PRO B 92 -11.30 10.72 -5.97
C PRO B 92 -10.39 9.61 -6.57
N LEU B 93 -9.08 9.68 -6.32
CA LEU B 93 -8.21 8.58 -6.80
C LEU B 93 -8.66 7.20 -6.30
N ALA B 94 -9.05 7.09 -5.02
CA ALA B 94 -9.49 5.76 -4.49
C ALA B 94 -10.70 5.30 -5.27
N ALA B 95 -11.64 6.21 -5.50
CA ALA B 95 -12.81 5.95 -6.33
C ALA B 95 -12.45 5.42 -7.74
N ILE B 96 -11.49 6.07 -8.40
CA ILE B 96 -11.16 5.71 -9.78
C ILE B 96 -10.52 4.31 -9.82
N TRP B 97 -9.64 4.03 -8.88
CA TRP B 97 -9.05 2.70 -8.78
C TRP B 97 -10.14 1.64 -8.58
N CYS B 98 -11.28 1.99 -8.00
CA CYS B 98 -12.39 1.03 -7.88
C CYS B 98 -13.29 1.00 -9.10
N GLY B 99 -12.86 1.63 -10.19
CA GLY B 99 -13.64 1.61 -11.41
C GLY B 99 -14.87 2.53 -11.35
N LEU B 100 -14.87 3.49 -10.45
CA LEU B 100 -15.96 4.43 -10.36
C LEU B 100 -15.51 5.81 -10.88
N GLU B 101 -16.47 6.63 -11.29
CA GLU B 101 -16.22 8.04 -11.58
C GLU B 101 -16.65 8.92 -10.42
N PRO B 102 -15.77 9.83 -10.00
CA PRO B 102 -16.19 10.88 -9.09
C PRO B 102 -17.27 11.74 -9.71
N TYR B 103 -18.14 12.24 -8.85
CA TYR B 103 -19.20 13.18 -9.22
C TYR B 103 -19.13 14.20 -8.10
N PHE B 104 -18.59 15.37 -8.40
CA PHE B 104 -18.33 16.36 -7.38
C PHE B 104 -19.61 17.13 -6.95
N ILE B 105 -19.72 17.30 -5.65
CA ILE B 105 -20.82 17.95 -5.01
C ILE B 105 -20.32 19.22 -4.32
N ASP B 106 -21.08 20.30 -4.43
CA ASP B 106 -20.63 21.56 -3.83
C ASP B 106 -20.64 21.46 -2.27
N ILE B 107 -19.87 22.33 -1.66
CA ILE B 107 -19.76 22.40 -0.23
C ILE B 107 -20.51 23.65 0.29
N SER B 108 -20.82 23.66 1.59
CA SER B 108 -21.32 24.83 2.31
C SER B 108 -20.18 25.82 2.49
N ILE B 109 -20.51 27.11 2.50
CA ILE B 109 -19.50 28.18 2.53
C ILE B 109 -18.91 28.35 3.94
N ASP B 110 -19.61 27.84 4.95
CA ASP B 110 -19.17 28.02 6.33
C ASP B 110 -18.48 26.81 6.98
N ASP B 111 -19.06 25.60 6.82
CA ASP B 111 -18.46 24.39 7.41
C ASP B 111 -17.55 23.61 6.46
N TRP B 112 -17.71 23.84 5.15
CA TRP B 112 -16.85 23.29 4.08
C TRP B 112 -16.96 21.79 3.88
N TYR B 113 -18.05 21.22 4.37
CA TYR B 113 -18.47 19.86 4.10
C TYR B 113 -19.36 19.90 2.88
N MSE B 114 -19.44 18.76 2.21
CA MSE B 114 -20.38 18.54 1.14
C MSE B 114 -21.74 18.96 1.64
O MSE B 114 -22.12 18.64 2.77
CB MSE B 114 -20.36 17.07 0.75
CG MSE B 114 -21.11 16.74 -0.46
SE MSE B 114 -20.68 15.02 -1.14
CE MSE B 114 -20.42 14.05 0.46
N ASP B 115 -22.44 19.73 0.82
CA ASP B 115 -23.77 20.24 1.13
C ASP B 115 -24.83 19.17 0.97
N LYS B 116 -25.41 18.78 2.10
CA LYS B 116 -26.32 17.63 2.14
C LYS B 116 -27.57 17.82 1.35
N THR B 117 -28.02 19.07 1.23
CA THR B 117 -29.16 19.39 0.37
C THR B 117 -28.89 18.99 -1.07
N VAL B 118 -27.75 19.45 -1.59
CA VAL B 118 -27.34 19.19 -2.97
C VAL B 118 -27.13 17.70 -3.14
N LEU B 119 -26.46 17.09 -2.17
CA LEU B 119 -26.19 15.64 -2.21
C LEU B 119 -27.46 14.82 -2.34
N TRP B 120 -28.44 15.11 -1.48
CA TRP B 120 -29.71 14.37 -1.50
CA TRP B 120 -29.67 14.32 -1.51
C TRP B 120 -30.38 14.50 -2.85
N ASP B 121 -30.41 15.72 -3.36
CA ASP B 121 -31.00 15.99 -4.67
C ASP B 121 -30.33 15.18 -5.76
N LYS B 122 -28.99 15.24 -5.80
CA LYS B 122 -28.24 14.40 -6.74
C LYS B 122 -28.49 12.88 -6.60
N ILE B 123 -28.61 12.39 -5.38
CA ILE B 123 -28.89 10.99 -5.19
C ILE B 123 -30.25 10.69 -5.80
N GLU B 124 -31.21 11.59 -5.59
CA GLU B 124 -32.56 11.38 -6.08
C GLU B 124 -32.60 11.31 -7.58
N GLU B 125 -31.75 12.12 -8.21
CA GLU B 125 -31.68 12.24 -9.65
C GLU B 125 -30.97 11.05 -10.28
N LEU B 126 -29.83 10.66 -9.73
CA LEU B 126 -29.01 9.58 -10.30
C LEU B 126 -29.52 8.17 -9.99
N LYS B 127 -30.24 8.00 -8.89
CA LYS B 127 -30.80 6.71 -8.48
C LYS B 127 -29.76 5.57 -8.53
N GLU B 128 -29.98 4.55 -9.34
CA GLU B 128 -29.07 3.39 -9.40
C GLU B 128 -27.67 3.73 -9.87
N GLU B 129 -27.52 4.85 -10.55
CA GLU B 129 -26.18 5.27 -10.94
C GLU B 129 -25.29 5.64 -9.75
N VAL B 130 -25.89 5.87 -8.57
CA VAL B 130 -25.04 6.12 -7.39
C VAL B 130 -24.41 4.81 -6.91
N ALA B 131 -23.08 4.74 -6.90
CA ALA B 131 -22.38 3.56 -6.37
C ALA B 131 -22.06 3.70 -4.89
N ILE B 132 -21.69 4.91 -4.45
CA ILE B 132 -21.21 5.11 -3.09
C ILE B 132 -21.16 6.61 -2.82
N VAL B 133 -21.21 7.00 -1.54
CA VAL B 133 -21.11 8.38 -1.14
C VAL B 133 -19.91 8.46 -0.22
N VAL B 134 -18.98 9.36 -0.55
CA VAL B 134 -17.70 9.51 0.13
C VAL B 134 -17.49 11.00 0.62
N PRO B 135 -18.09 11.37 1.76
CA PRO B 135 -17.92 12.69 2.33
C PRO B 135 -16.56 12.78 2.95
N TYR B 136 -16.05 14.00 3.09
CA TYR B 136 -14.74 14.23 3.73
C TYR B 136 -15.00 15.07 4.97
N ALA B 137 -14.53 14.61 6.14
CA ALA B 137 -14.67 15.38 7.41
C ALA B 137 -13.59 16.46 7.42
N THR B 138 -13.90 17.52 6.69
CA THR B 138 -12.94 18.56 6.33
C THR B 138 -12.04 19.07 7.45
N PHE B 139 -10.75 18.99 7.19
CA PHE B 139 -9.71 19.45 8.11
C PHE B 139 -9.84 18.87 9.52
N GLY B 140 -10.16 17.58 9.61
CA GLY B 140 -10.13 16.87 10.89
C GLY B 140 -11.15 17.37 11.90
N SER B 141 -12.34 17.64 11.40
CA SER B 141 -13.32 18.35 12.15
C SER B 141 -14.52 17.48 12.33
N TRP B 142 -15.47 17.99 13.10
CA TRP B 142 -16.58 17.20 13.58
C TRP B 142 -17.76 17.29 12.62
N MSE B 143 -17.64 16.59 11.50
CA MSE B 143 -18.73 16.52 10.54
C MSE B 143 -19.76 15.50 11.05
O MSE B 143 -19.50 14.29 11.05
CB MSE B 143 -18.19 16.10 9.18
CG MSE B 143 -19.21 16.13 8.12
SE MSE B 143 -18.62 15.43 6.50
CE MSE B 143 -18.42 13.55 6.97
N ASN B 144 -20.92 15.97 11.50
CA ASN B 144 -21.92 15.04 12.08
C ASN B 144 -22.34 14.03 11.03
N LEU B 145 -22.53 12.78 11.44
CA LEU B 145 -22.78 11.66 10.55
C LEU B 145 -24.22 11.20 10.55
N GLU B 146 -25.09 11.91 11.25
CA GLU B 146 -26.53 11.52 11.36
C GLU B 146 -27.23 11.28 10.00
N GLU B 147 -27.08 12.21 9.07
CA GLU B 147 -27.68 12.08 7.74
C GLU B 147 -27.01 10.92 6.93
N TYR B 148 -25.71 10.73 7.13
CA TYR B 148 -24.96 9.67 6.43
C TYR B 148 -25.36 8.31 6.96
N GLU B 149 -25.56 8.24 8.28
CA GLU B 149 -26.04 7.01 8.90
C GLU B 149 -27.45 6.68 8.33
N GLU B 150 -28.25 7.72 8.11
CA GLU B 150 -29.55 7.57 7.50
C GLU B 150 -29.42 7.06 6.05
N LEU B 151 -28.41 7.55 5.32
CA LEU B 151 -28.16 7.07 3.96
C LEU B 151 -27.89 5.57 3.96
N GLU B 152 -26.97 5.11 4.81
CA GLU B 152 -26.71 3.67 4.94
C GLU B 152 -28.00 2.91 5.16
N LYS B 153 -28.82 3.37 6.10
CA LYS B 153 -30.06 2.64 6.41
C LYS B 153 -31.00 2.62 5.20
N LYS B 154 -30.96 3.65 4.35
CA LYS B 154 -31.78 3.65 3.12
C LYS B 154 -31.13 2.80 2.00
N GLY B 155 -29.91 2.31 2.21
CA GLY B 155 -29.21 1.44 1.26
C GLY B 155 -28.26 2.17 0.32
N VAL B 156 -27.83 3.37 0.70
CA VAL B 156 -26.80 4.07 -0.04
C VAL B 156 -25.50 4.00 0.79
N PRO B 157 -24.52 3.20 0.35
CA PRO B 157 -23.31 2.99 1.17
C PRO B 157 -22.48 4.26 1.36
N VAL B 158 -21.82 4.37 2.51
CA VAL B 158 -21.06 5.55 2.84
C VAL B 158 -19.71 5.19 3.41
N VAL B 159 -18.68 5.77 2.82
CA VAL B 159 -17.33 5.68 3.32
C VAL B 159 -16.89 7.10 3.62
N VAL B 160 -16.66 7.36 4.90
CA VAL B 160 -16.23 8.67 5.31
C VAL B 160 -14.69 8.80 5.29
N ASP B 161 -14.18 9.76 4.54
CA ASP B 161 -12.73 10.13 4.60
C ASP B 161 -12.50 11.07 5.80
N ALA B 162 -11.97 10.53 6.89
CA ALA B 162 -11.60 11.35 8.03
C ALA B 162 -10.08 11.23 8.20
N ALA B 163 -9.37 11.15 7.10
CA ALA B 163 -7.92 10.89 7.11
C ALA B 163 -7.20 11.68 8.18
N PRO B 164 -7.51 12.97 8.33
CA PRO B 164 -6.73 13.69 9.33
C PRO B 164 -7.37 13.82 10.68
N GLY B 165 -8.43 13.06 10.95
CA GLY B 165 -9.24 13.27 12.14
C GLY B 165 -9.15 12.25 13.28
N PHE B 166 -8.18 11.35 13.22
CA PHE B 166 -8.03 10.38 14.29
C PHE B 166 -7.64 11.06 15.60
N GLY B 167 -8.35 10.70 16.66
CA GLY B 167 -8.17 11.29 17.96
C GLY B 167 -9.12 12.44 18.24
N LEU B 168 -9.94 12.80 17.25
CA LEU B 168 -10.94 13.86 17.45
C LEU B 168 -12.04 13.33 18.34
N MSE B 169 -12.20 14.02 19.46
CA MSE B 169 -13.20 13.74 20.49
C MSE B 169 -14.12 14.95 20.66
O MSE B 169 -13.71 16.12 20.50
CB MSE B 169 -12.51 13.52 21.82
CG MSE B 169 -11.41 12.49 21.81
SE MSE B 169 -12.09 10.74 22.10
CE MSE B 169 -10.66 10.09 23.19
N ASN B 170 -15.34 14.67 21.03
CA ASN B 170 -16.31 15.70 21.28
C ASN B 170 -17.27 15.09 22.28
N GLY B 171 -17.47 15.78 23.40
CA GLY B 171 -18.32 15.27 24.46
C GLY B 171 -17.86 13.92 24.99
N GLY B 172 -16.57 13.62 24.91
CA GLY B 172 -16.08 12.29 25.34
C GLY B 172 -16.39 11.13 24.36
N MSE B 173 -16.78 11.46 23.14
CA MSE B 173 -17.02 10.43 22.16
C MSE B 173 -16.00 10.63 21.02
O MSE B 173 -15.75 11.76 20.60
CB MSE B 173 -18.43 10.56 21.64
CG MSE B 173 -18.86 9.43 20.74
SE MSE B 173 -20.57 9.86 19.87
CE MSE B 173 -19.97 10.90 18.38
N HIS B 174 -15.43 9.54 20.53
CA HIS B 174 -14.50 9.64 19.42
C HIS B 174 -15.29 9.83 18.15
N TYR B 175 -14.78 10.65 17.25
CA TYR B 175 -15.39 10.78 15.92
C TYR B 175 -15.62 9.41 15.23
N GLY B 176 -16.83 9.22 14.73
CA GLY B 176 -17.22 8.03 13.96
C GLY B 176 -17.89 6.93 14.75
N GLN B 177 -17.92 7.08 16.08
CA GLN B 177 -18.45 6.04 16.96
C GLN B 177 -19.80 5.46 16.49
N ASP B 178 -19.94 4.13 16.54
CA ASP B 178 -21.17 3.44 16.09
C ASP B 178 -21.67 3.74 14.66
N PHE B 179 -20.84 4.31 13.79
CA PHE B 179 -21.26 4.50 12.42
C PHE B 179 -21.40 3.16 11.64
N SER B 180 -22.57 2.98 11.03
CA SER B 180 -22.89 1.84 10.17
C SER B 180 -21.95 1.63 8.97
N GLY B 181 -21.59 2.72 8.32
CA GLY B 181 -20.68 2.65 7.17
C GLY B 181 -19.26 2.47 7.64
N MSE B 182 -18.31 3.03 6.89
CA MSE B 182 -16.89 2.93 7.24
C MSE B 182 -16.26 4.32 7.36
O MSE B 182 -16.65 5.24 6.64
CB MSE B 182 -16.11 2.06 6.22
CG MSE B 182 -16.51 0.57 6.33
SE MSE B 182 -15.56 -0.71 5.23
CE MSE B 182 -15.95 -2.25 6.24
N ILE B 183 -15.31 4.43 8.29
CA ILE B 183 -14.55 5.66 8.51
C ILE B 183 -13.08 5.32 8.29
N ILE B 184 -12.39 6.15 7.52
CA ILE B 184 -10.99 5.91 7.24
C ILE B 184 -10.21 7.03 7.93
N TYR B 185 -9.17 6.63 8.64
CA TYR B 185 -8.24 7.57 9.24
C TYR B 185 -6.87 7.28 8.74
N SER B 186 -6.01 8.31 8.69
CA SER B 186 -4.60 8.17 8.29
C SER B 186 -3.70 8.29 9.50
N PHE B 187 -2.59 7.55 9.50
CA PHE B 187 -1.56 7.67 10.50
C PHE B 187 -0.29 8.21 9.79
N HIS B 188 -0.44 8.85 8.62
CA HIS B 188 0.73 9.41 7.93
C HIS B 188 1.49 10.36 8.88
N ALA B 189 2.82 10.40 8.77
CA ALA B 189 3.65 11.17 9.70
C ALA B 189 3.23 12.64 9.78
N THR B 190 2.64 13.20 8.70
CA THR B 190 2.18 14.59 8.71
C THR B 190 0.86 14.81 9.42
N1 LLP B 191 -7.61 11.78 2.32
C2 LLP B 191 -7.38 12.97 2.98
C2' LLP B 191 -8.52 13.93 3.02
C3 LLP B 191 -6.13 13.21 3.59
O3 LLP B 191 -5.94 14.29 4.20
C4 LLP B 191 -5.13 12.21 3.51
C4' LLP B 191 -3.75 12.36 4.13
C5 LLP B 191 -5.37 11.04 2.78
C6 LLP B 191 -6.63 10.84 2.22
C5' LLP B 191 -4.38 9.92 2.61
OP4 LLP B 191 -3.61 9.39 3.73
P LLP B 191 -2.37 8.36 3.59
OP1 LLP B 191 -1.20 9.20 3.66
OP2 LLP B 191 -2.48 7.50 4.77
OP3 LLP B 191 -2.51 7.66 2.30
N LLP B 191 0.12 13.76 9.77
CA LLP B 191 -1.16 13.97 10.45
CB LLP B 191 -2.19 12.93 10.03
CG LLP B 191 -2.15 12.51 8.59
CD LLP B 191 -2.94 13.38 7.63
CE LLP B 191 -2.59 13.00 6.16
NZ LLP B 191 -3.79 13.09 5.24
C LLP B 191 -0.93 13.91 11.96
O LLP B 191 0.12 13.48 12.40
N PRO B 192 -1.92 14.37 12.75
CA PRO B 192 -1.70 14.49 14.18
C PRO B 192 -1.29 13.19 14.86
N PHE B 193 -2.05 12.13 14.69
CA PHE B 193 -1.57 10.81 15.14
C PHE B 193 -0.61 10.26 14.06
N GLY B 194 0.62 10.76 14.00
CA GLY B 194 1.53 10.44 12.89
C GLY B 194 2.60 9.42 13.28
N ILE B 195 2.64 8.29 12.55
CA ILE B 195 3.59 7.19 12.81
C ILE B 195 4.61 6.98 11.64
N GLY B 196 4.44 7.66 10.52
CA GLY B 196 5.24 7.37 9.32
C GLY B 196 4.29 7.10 8.16
N GLU B 197 4.00 5.83 7.91
CA GLU B 197 2.89 5.43 7.01
C GLU B 197 1.95 4.48 7.74
N GLY B 198 0.66 4.69 7.56
CA GLY B 198 -0.33 3.87 8.25
C GLY B 198 -1.72 4.43 8.11
N GLY B 199 -2.70 3.61 8.44
CA GLY B 199 -4.10 3.97 8.43
C GLY B 199 -4.96 3.01 9.23
N LEU B 200 -6.24 3.33 9.30
CA LEU B 200 -7.21 2.53 10.00
C LEU B 200 -8.57 2.70 9.36
N ILE B 201 -9.37 1.63 9.43
CA ILE B 201 -10.77 1.67 9.13
C ILE B 201 -11.59 1.27 10.37
N TYR B 202 -12.64 2.04 10.65
CA TYR B 202 -13.58 1.71 11.72
C TYR B 202 -14.95 1.48 11.09
N SER B 203 -15.69 0.55 11.69
CA SER B 203 -17.11 0.39 11.39
C SER B 203 -17.79 -0.25 12.59
N LYS B 204 -19.03 0.12 12.83
CA LYS B 204 -19.87 -0.61 13.77
C LYS B 204 -20.12 -2.06 13.28
N ASN B 205 -20.04 -2.24 11.97
CA ASN B 205 -20.19 -3.54 11.30
C ASN B 205 -18.91 -4.40 11.34
N GLU B 206 -18.90 -5.34 12.27
CA GLU B 206 -17.73 -6.17 12.55
C GLU B 206 -17.49 -7.13 11.40
N GLU B 207 -18.56 -7.68 10.82
CA GLU B 207 -18.43 -8.56 9.68
C GLU B 207 -17.75 -7.84 8.48
N ASP B 208 -18.09 -6.57 8.26
CA ASP B 208 -17.50 -5.83 7.17
C ASP B 208 -16.01 -5.60 7.39
N ILE B 209 -15.62 -5.37 8.63
CA ILE B 209 -14.24 -5.17 8.95
C ILE B 209 -13.49 -6.48 8.74
N GLN B 210 -14.15 -7.59 9.04
CA GLN B 210 -13.52 -8.91 8.81
C GLN B 210 -13.26 -9.11 7.32
N ARG B 211 -14.25 -8.76 6.48
CA ARG B 211 -14.06 -8.78 5.03
C ARG B 211 -12.92 -7.89 4.53
N ILE B 212 -12.84 -6.66 5.02
CA ILE B 212 -11.72 -5.79 4.59
C ILE B 212 -10.40 -6.46 4.99
N LYS B 213 -10.33 -7.07 6.15
CA LYS B 213 -9.09 -7.76 6.52
C LYS B 213 -8.69 -8.81 5.48
N ARG B 214 -9.68 -9.55 4.99
CA ARG B 214 -9.42 -10.48 3.91
C ARG B 214 -8.96 -9.82 2.63
N MSE B 215 -9.66 -8.77 2.26
CA MSE B 215 -9.37 -8.06 1.06
C MSE B 215 -7.94 -7.53 1.10
O MSE B 215 -7.21 -7.53 0.07
CB MSE B 215 -10.37 -6.93 0.90
CG MSE B 215 -10.23 -6.24 -0.44
SE MSE B 215 -11.50 -4.87 -0.65
CE MSE B 215 -13.03 -5.95 -0.16
N GLY B 216 -7.49 -7.13 2.29
CA GLY B 216 -6.12 -6.64 2.47
C GLY B 216 -5.11 -7.76 2.42
N ASN B 217 -5.61 -9.01 2.43
CA ASN B 217 -4.76 -10.22 2.30
C ASN B 217 -5.14 -11.06 1.08
N PHE B 218 -5.14 -10.45 -0.11
CA PHE B 218 -5.39 -11.17 -1.38
C PHE B 218 -6.75 -11.85 -1.48
N GLY B 219 -7.71 -11.39 -0.68
CA GLY B 219 -9.03 -12.02 -0.68
C GLY B 219 -9.01 -13.45 -0.21
N PHE B 220 -7.98 -13.83 0.53
CA PHE B 220 -7.79 -15.21 0.94
C PHE B 220 -8.79 -15.69 1.97
N ASP B 221 -9.29 -16.92 1.79
CA ASP B 221 -10.13 -17.58 2.77
C ASP B 221 -9.19 -18.31 3.70
N THR B 222 -9.73 -19.19 4.55
CA THR B 222 -8.90 -19.85 5.55
C THR B 222 -8.01 -20.92 4.91
N ASN B 223 -8.26 -21.24 3.64
CA ASN B 223 -7.36 -22.11 2.86
C ASN B 223 -6.28 -21.37 2.10
N ARG B 224 -6.18 -20.05 2.30
CA ARG B 224 -5.27 -19.23 1.56
C ARG B 224 -5.56 -19.36 0.05
N GLU B 225 -6.86 -19.42 -0.26
CA GLU B 225 -7.35 -19.40 -1.61
C GLU B 225 -8.08 -18.07 -1.83
N CYS B 226 -7.84 -17.48 -3.00
CA CYS B 226 -8.47 -16.21 -3.32
C CYS B 226 -9.94 -16.41 -3.76
N THR B 227 -10.90 -16.01 -2.94
CA THR B 227 -12.35 -16.17 -3.22
C THR B 227 -13.09 -14.82 -3.27
N MSE B 228 -12.36 -13.70 -3.14
CA MSE B 228 -12.97 -12.39 -3.31
C MSE B 228 -11.91 -11.37 -3.72
O MSE B 228 -10.71 -11.59 -3.51
CB MSE B 228 -13.66 -11.94 -2.00
CG MSE B 228 -12.69 -11.97 -0.81
SE MSE B 228 -13.19 -11.03 0.80
CE MSE B 228 -13.52 -9.27 0.20
N MSE B 229 -12.34 -10.25 -4.29
CA MSE B 229 -11.42 -9.21 -4.66
C MSE B 229 -10.47 -8.92 -3.51
O MSE B 229 -10.86 -8.91 -2.35
CB MSE B 229 -12.20 -7.94 -5.01
CG MSE B 229 -11.38 -6.87 -5.64
SE MSE B 229 -10.52 -7.51 -7.26
CE MSE B 229 -9.91 -5.72 -7.82
N GLY B 230 -9.21 -8.67 -3.85
CA GLY B 230 -8.21 -8.33 -2.84
C GLY B 230 -6.94 -7.71 -3.40
N PHE B 231 -6.06 -7.37 -2.48
CA PHE B 231 -4.74 -6.82 -2.79
C PHE B 231 -3.90 -6.96 -1.55
N ASN B 232 -2.83 -6.17 -1.41
CA ASN B 232 -2.08 -6.16 -0.17
C ASN B 232 -2.17 -4.75 0.42
N CYS B 233 -2.80 -4.58 1.59
CA CYS B 233 -2.68 -3.31 2.31
C CYS B 233 -2.37 -3.58 3.77
N LYS B 234 -1.60 -4.64 4.00
CA LYS B 234 -1.25 -5.07 5.33
C LYS B 234 -0.27 -4.09 5.98
N MSE B 235 -0.54 -3.73 7.22
CA MSE B 235 0.40 -2.95 8.01
C MSE B 235 1.38 -3.88 8.70
O MSE B 235 1.00 -4.86 9.33
CB MSE B 235 -0.34 -2.11 9.05
CG MSE B 235 0.60 -1.45 10.09
SE MSE B 235 -0.22 -0.42 11.49
CE MSE B 235 -0.87 0.93 10.32
N SER B 236 2.65 -3.56 8.63
CA SER B 236 3.65 -4.37 9.31
C SER B 236 3.60 -4.23 10.85
N GLU B 237 4.26 -5.17 11.53
CA GLU B 237 4.39 -5.12 12.99
C GLU B 237 5.16 -3.88 13.45
N TYR B 238 6.10 -3.45 12.63
CA TYR B 238 6.95 -2.31 12.96
C TYR B 238 6.14 -1.00 12.99
N ALA B 239 5.20 -0.86 12.07
CA ALA B 239 4.27 0.28 12.07
C ALA B 239 3.29 0.19 13.24
N ALA B 240 2.81 -1.01 13.54
CA ALA B 240 1.92 -1.19 14.69
C ALA B 240 2.65 -0.82 16.01
N ALA B 241 3.95 -1.15 16.08
CA ALA B 241 4.77 -0.84 17.26
C ALA B 241 4.83 0.68 17.49
N ILE B 242 5.08 1.45 16.43
CA ILE B 242 5.11 2.92 16.59
C ILE B 242 3.70 3.37 16.92
N GLY B 243 2.71 2.73 16.32
CA GLY B 243 1.34 3.02 16.64
C GLY B 243 1.04 2.95 18.13
N ILE B 244 1.44 1.86 18.77
CA ILE B 244 1.12 1.61 20.16
C ILE B 244 1.79 2.68 21.02
N ALA B 245 3.06 2.97 20.74
CA ALA B 245 3.82 3.97 21.51
C ALA B 245 3.19 5.35 21.33
N THR B 246 2.60 5.56 20.16
CA THR B 246 1.94 6.84 19.89
C THR B 246 0.66 6.98 20.73
N MSE B 247 -0.11 5.90 20.84
CA MSE B 247 -1.27 5.91 21.74
C MSE B 247 -0.84 6.38 23.13
O MSE B 247 -1.54 7.17 23.75
CB MSE B 247 -1.89 4.52 21.89
CG MSE B 247 -2.76 4.03 20.77
SE MSE B 247 -4.31 5.14 20.48
CE MSE B 247 -4.98 5.16 22.27
N LYS B 248 0.31 5.92 23.62
CA LYS B 248 0.69 6.26 24.99
C LYS B 248 1.21 7.70 25.15
N LYS B 249 1.65 8.33 24.07
CA LYS B 249 2.10 9.74 24.18
C LYS B 249 1.04 10.63 23.60
N TRP B 250 -0.10 10.07 23.24
CA TRP B 250 -1.13 10.82 22.51
C TRP B 250 -1.70 11.99 23.31
N ASP B 251 -1.86 11.81 24.61
CA ASP B 251 -2.43 12.84 25.48
C ASP B 251 -1.61 14.11 25.34
N ASP B 252 -0.28 13.93 25.43
CA ASP B 252 0.69 15.03 25.27
C ASP B 252 0.51 15.72 23.93
N LYS B 253 0.48 14.93 22.86
CA LYS B 253 0.39 15.49 21.53
C LYS B 253 -0.90 16.26 21.31
N LEU B 254 -2.00 15.68 21.76
CA LEU B 254 -3.28 16.36 21.61
C LEU B 254 -3.26 17.70 22.38
N LYS B 255 -2.69 17.69 23.59
CA LYS B 255 -2.57 18.92 24.41
C LYS B 255 -1.70 19.99 23.75
N GLU B 256 -0.62 19.57 23.12
CA GLU B 256 0.25 20.47 22.37
C GLU B 256 -0.52 21.18 21.25
N ARG B 257 -1.15 20.39 20.38
CA ARG B 257 -1.96 20.93 19.27
C ARG B 257 -3.08 21.83 19.70
N THR B 258 -3.71 21.48 20.80
CA THR B 258 -4.81 22.25 21.33
C THR B 258 -4.28 23.59 21.82
N ARG B 259 -3.15 23.58 22.50
CA ARG B 259 -2.52 24.83 22.97
C ARG B 259 -2.22 25.77 21.83
N ILE B 260 -1.57 25.24 20.79
CA ILE B 260 -1.11 26.07 19.67
C ILE B 260 -2.33 26.58 18.95
N SER B 261 -3.37 25.74 18.85
CA SER B 261 -4.65 26.13 18.22
C SER B 261 -5.24 27.32 18.94
N GLU B 262 -5.27 27.26 20.27
CA GLU B 262 -5.88 28.34 21.09
C GLU B 262 -5.08 29.61 20.95
N TRP B 263 -3.76 29.49 20.86
CA TRP B 263 -2.92 30.67 20.63
C TRP B 263 -3.22 31.31 19.30
N TYR B 264 -3.54 30.50 18.30
CA TYR B 264 -3.85 31.03 17.00
C TYR B 264 -5.14 31.83 17.10
N LYS B 265 -6.17 31.21 17.68
CA LYS B 265 -7.48 31.83 17.85
C LYS B 265 -7.37 33.14 18.65
N GLN B 266 -6.62 33.13 19.73
CA GLN B 266 -6.42 34.34 20.53
C GLN B 266 -5.69 35.41 19.74
N LEU B 267 -4.53 35.05 19.17
CA LEU B 267 -3.70 36.04 18.52
C LEU B 267 -4.37 36.59 17.27
N LEU B 268 -5.05 35.72 16.53
CA LEU B 268 -5.84 36.18 15.38
C LEU B 268 -6.86 37.23 15.84
N GLN B 269 -7.65 36.88 16.85
CA GLN B 269 -8.69 37.75 17.37
C GLN B 269 -8.06 39.03 17.94
N SER B 270 -7.05 38.89 18.79
CA SER B 270 -6.41 40.05 19.40
C SER B 270 -5.76 40.99 18.40
N ASN B 271 -5.23 40.47 17.29
CA ASN B 271 -4.65 41.33 16.24
C ASN B 271 -5.71 41.82 15.25
N GLY B 272 -6.97 41.50 15.53
CA GLY B 272 -8.12 42.01 14.80
C GLY B 272 -8.29 41.47 13.40
N LEU B 273 -7.68 40.34 13.11
CA LEU B 273 -7.79 39.74 11.81
C LEU B 273 -9.24 39.34 11.53
N MSE B 274 -10.00 38.96 12.56
CA MSE B 274 -11.41 38.61 12.33
C MSE B 274 -12.16 39.86 11.91
O MSE B 274 -13.05 39.79 11.08
CB MSE B 274 -12.11 38.01 13.55
CG MSE B 274 -11.33 37.06 14.43
SE MSE B 274 -10.57 35.63 13.47
CE MSE B 274 -12.19 34.85 12.69
N LYS B 275 -11.80 41.00 12.50
CA LYS B 275 -12.47 42.27 12.18
C LYS B 275 -12.17 42.65 10.74
N LYS B 276 -11.02 42.23 10.19
CA LYS B 276 -10.64 42.51 8.80
C LYS B 276 -11.23 41.52 7.79
N GLY B 277 -11.94 40.49 8.26
CA GLY B 277 -12.63 39.55 7.36
C GLY B 277 -12.00 38.19 7.14
N TRP B 278 -11.01 37.83 7.97
CA TRP B 278 -10.47 36.46 7.99
C TRP B 278 -11.45 35.58 8.75
N GLN B 279 -11.67 34.34 8.29
CA GLN B 279 -12.55 33.46 9.05
C GLN B 279 -12.15 32.04 9.12
N LEU B 280 -12.48 31.47 10.27
CA LEU B 280 -12.21 30.09 10.58
C LEU B 280 -13.39 29.23 10.19
N GLN B 281 -13.16 27.94 10.16
CA GLN B 281 -14.17 26.97 9.80
C GLN B 281 -15.23 26.99 10.88
N LYS B 282 -16.49 26.84 10.50
CA LYS B 282 -17.56 26.68 11.45
C LYS B 282 -17.70 25.20 11.75
N THR B 283 -17.31 24.78 12.95
CA THR B 283 -17.42 23.37 13.35
C THR B 283 -17.35 23.25 14.88
N GLU B 284 -17.96 22.20 15.41
CA GLU B 284 -18.04 22.04 16.87
C GLU B 284 -16.69 21.70 17.49
N ALA B 285 -15.94 20.87 16.80
CA ALA B 285 -14.72 20.29 17.34
C ALA B 285 -13.76 19.98 16.18
N VAL B 286 -12.47 20.16 16.45
CA VAL B 286 -11.47 19.88 15.43
C VAL B 286 -10.13 19.49 16.09
N ILE B 287 -9.34 18.69 15.38
CA ILE B 287 -7.94 18.42 15.71
C ILE B 287 -7.10 18.92 14.51
N GLN B 288 -6.14 19.81 14.74
CA GLN B 288 -5.52 20.53 13.63
C GLN B 288 -4.15 20.03 13.16
N GLN B 289 -4.12 19.68 11.88
CA GLN B 289 -2.91 19.35 11.18
C GLN B 289 -2.17 20.65 10.83
N PHE B 290 -2.93 21.68 10.50
CA PHE B 290 -2.44 23.03 10.18
C PHE B 290 -3.60 23.97 10.52
N MSE B 291 -3.40 25.27 10.40
CA MSE B 291 -4.47 26.22 10.73
C MSE B 291 -5.10 26.71 9.42
O MSE B 291 -4.48 27.50 8.71
CB MSE B 291 -3.96 27.40 11.55
CG MSE B 291 -4.97 28.55 11.76
SE MSE B 291 -6.55 27.95 12.73
CE MSE B 291 -5.48 27.23 14.11
N PRO B 292 -6.32 26.24 9.12
CA PRO B 292 -7.04 26.69 7.96
C PRO B 292 -7.77 27.98 8.26
N ILE B 293 -7.80 28.88 7.28
CA ILE B 293 -8.44 30.20 7.46
C ILE B 293 -8.79 30.79 6.09
N LEU B 294 -9.94 31.44 5.99
CA LEU B 294 -10.28 32.17 4.78
C LEU B 294 -9.69 33.55 4.90
N CYS B 295 -8.97 34.00 3.90
CA CYS B 295 -8.45 35.37 3.86
C CYS B 295 -9.61 36.30 3.45
N PRO B 296 -9.44 37.63 3.58
CA PRO B 296 -10.55 38.53 3.24
C PRO B 296 -10.99 38.37 1.79
N GLU B 297 -12.29 38.59 1.58
CA GLU B 297 -12.93 38.62 0.26
C GLU B 297 -12.08 39.38 -0.79
N GLU B 298 -11.48 40.49 -0.38
CA GLU B 298 -10.74 41.37 -1.27
C GLU B 298 -9.27 40.99 -1.43
N VAL B 299 -8.85 39.88 -0.82
CA VAL B 299 -7.46 39.49 -0.85
C VAL B 299 -7.37 38.17 -1.57
N ARG B 300 -6.39 38.05 -2.46
CA ARG B 300 -6.16 36.81 -3.21
C ARG B 300 -5.25 35.89 -2.36
N ASN B 301 -5.67 34.63 -2.16
CA ASN B 301 -4.90 33.71 -1.30
C ASN B 301 -3.48 33.42 -1.80
N LYS B 302 -3.23 33.48 -3.10
CA LYS B 302 -1.89 33.22 -3.62
C LYS B 302 -0.96 34.35 -3.20
N GLN B 303 -1.53 35.56 -3.09
CA GLN B 303 -0.78 36.74 -2.58
C GLN B 303 -0.41 36.57 -1.11
N VAL B 304 -1.32 36.05 -0.29
CA VAL B 304 -0.96 35.71 1.08
C VAL B 304 0.26 34.76 1.05
N ILE B 305 0.20 33.71 0.24
CA ILE B 305 1.30 32.75 0.26
C ILE B 305 2.59 33.51 -0.05
N GLU B 306 2.53 34.36 -1.06
CA GLU B 306 3.70 35.08 -1.54
C GLU B 306 4.19 36.07 -0.51
N ASP B 307 3.29 36.80 0.10
CA ASP B 307 3.65 37.77 1.13
C ASP B 307 4.34 37.08 2.31
N LEU B 308 3.76 35.98 2.77
CA LEU B 308 4.33 35.21 3.88
C LEU B 308 5.69 34.62 3.49
N LYS B 309 5.79 34.11 2.27
CA LYS B 309 7.06 33.56 1.77
C LYS B 309 8.16 34.62 1.82
N LYS B 310 7.83 35.87 1.55
CA LYS B 310 8.83 36.95 1.68
C LYS B 310 9.30 37.05 3.13
N GLN B 311 8.40 36.79 4.09
CA GLN B 311 8.73 36.86 5.51
C GLN B 311 9.29 35.52 6.06
N LYS B 312 9.72 34.63 5.17
CA LYS B 312 10.33 33.37 5.59
C LYS B 312 9.32 32.39 6.19
N ILE B 313 8.05 32.52 5.86
CA ILE B 313 7.00 31.60 6.38
C ILE B 313 6.37 30.88 5.21
N GLU B 314 6.34 29.55 5.28
CA GLU B 314 5.70 28.69 4.28
C GLU B 314 4.28 28.34 4.68
N ALA B 315 3.30 28.99 4.05
CA ALA B 315 1.90 28.60 4.13
C ALA B 315 1.61 27.81 2.87
N ARG B 316 0.46 27.17 2.83
CA ARG B 316 0.04 26.42 1.67
C ARG B 316 -1.44 26.65 1.41
N LEU B 317 -1.94 26.05 0.33
CA LEU B 317 -3.31 26.32 -0.11
C LEU B 317 -4.11 25.04 -0.24
N TYR B 318 -4.44 24.45 0.88
CA TYR B 318 -5.31 23.30 0.90
C TYR B 318 -6.74 23.78 0.99
N PHE B 319 -7.57 23.64 -0.04
CA PHE B 319 -7.34 22.94 -1.32
C PHE B 319 -7.60 23.83 -2.53
N SER B 320 -6.49 24.33 -3.11
CA SER B 320 -6.56 25.24 -4.23
C SER B 320 -5.29 25.01 -5.07
N PRO B 321 -5.45 24.39 -6.25
CA PRO B 321 -6.72 23.97 -6.85
C PRO B 321 -7.44 22.85 -6.10
N SER B 322 -8.75 22.90 -6.14
CA SER B 322 -9.54 21.80 -5.65
C SER B 322 -9.47 20.71 -6.70
N CYS B 323 -10.02 19.54 -6.36
CA CYS B 323 -9.88 18.39 -7.24
C CYS B 323 -10.42 18.65 -8.63
N HIS B 324 -11.58 19.30 -8.72
CA HIS B 324 -12.19 19.53 -10.05
C HIS B 324 -11.36 20.46 -10.93
N GLN B 325 -10.48 21.22 -10.31
CA GLN B 325 -9.64 22.17 -10.99
C GLN B 325 -8.28 21.55 -11.32
N GLN B 326 -8.03 20.34 -10.86
CA GLN B 326 -6.75 19.68 -11.16
C GLN B 326 -6.82 18.91 -12.46
N VAL B 327 -5.66 18.79 -13.09
CA VAL B 327 -5.56 18.16 -14.39
C VAL B 327 -6.31 16.85 -14.48
N LEU B 328 -6.04 15.94 -13.57
CA LEU B 328 -6.60 14.63 -13.71
C LEU B 328 -8.14 14.56 -13.59
N PHE B 329 -8.74 15.43 -12.79
CA PHE B 329 -10.16 15.26 -12.46
C PHE B 329 -11.08 16.26 -13.16
N ARG B 330 -10.49 17.12 -13.98
CA ARG B 330 -11.18 18.28 -14.53
C ARG B 330 -12.38 17.95 -15.38
N ASN B 331 -12.49 16.71 -15.87
CA ASN B 331 -13.63 16.40 -16.76
C ASN B 331 -14.71 15.53 -16.15
N TYR B 332 -14.61 15.25 -14.85
CA TYR B 332 -15.62 14.45 -14.20
C TYR B 332 -16.82 15.32 -13.95
N LYS B 333 -17.98 14.71 -13.95
CA LYS B 333 -19.19 15.44 -13.65
C LYS B 333 -19.21 16.07 -12.27
N SER B 334 -19.97 17.15 -12.15
CA SER B 334 -20.21 17.78 -10.90
C SER B 334 -21.53 18.54 -10.90
N THR B 335 -21.99 18.90 -9.70
CA THR B 335 -23.03 19.90 -9.56
C THR B 335 -22.39 21.22 -9.85
N ASP B 336 -23.17 22.28 -9.79
CA ASP B 336 -22.56 23.61 -9.77
C ASP B 336 -21.62 23.63 -8.57
N LEU B 337 -20.45 24.26 -8.72
CA LEU B 337 -19.45 24.29 -7.66
C LEU B 337 -19.05 25.73 -7.24
N THR B 338 -20.00 26.65 -7.32
CA THR B 338 -19.70 28.05 -7.03
C THR B 338 -19.06 28.24 -5.67
N ARG B 339 -19.58 27.55 -4.66
CA ARG B 339 -19.07 27.73 -3.29
C ARG B 339 -17.66 27.19 -3.14
N THR B 340 -17.44 26.02 -3.76
CA THR B 340 -16.12 25.39 -3.76
C THR B 340 -15.13 26.36 -4.38
N ASN B 341 -15.56 26.95 -5.50
CA ASN B 341 -14.67 27.85 -6.22
C ASN B 341 -14.25 29.06 -5.35
N LYS B 342 -15.23 29.64 -4.64
CA LYS B 342 -14.99 30.75 -3.72
C LYS B 342 -14.08 30.36 -2.57
N ILE B 343 -14.37 29.23 -1.93
CA ILE B 343 -13.51 28.81 -0.83
C ILE B 343 -12.09 28.58 -1.36
N ALA B 344 -11.97 28.04 -2.58
CA ALA B 344 -10.64 27.77 -3.16
C ALA B 344 -9.88 29.07 -3.46
N LYS B 345 -10.58 30.17 -3.72
CA LYS B 345 -9.91 31.48 -3.87
C LYS B 345 -9.47 32.09 -2.53
N ARG B 346 -10.13 31.74 -1.44
CA ARG B 346 -9.85 32.39 -0.14
C ARG B 346 -9.03 31.57 0.87
N ILE B 347 -9.06 30.25 0.72
CA ILE B 347 -8.51 29.36 1.74
C ILE B 347 -7.02 29.50 1.81
N VAL B 348 -6.51 29.55 3.04
CA VAL B 348 -5.08 29.52 3.34
C VAL B 348 -4.83 28.43 4.40
N SER B 349 -3.66 27.80 4.34
CA SER B 349 -3.26 26.79 5.29
C SER B 349 -2.05 27.32 6.04
N LEU B 350 -2.19 27.64 7.32
CA LEU B 350 -1.08 28.22 8.10
C LEU B 350 -0.33 27.17 8.89
N PRO B 351 0.97 27.37 9.12
CA PRO B 351 1.71 26.30 9.78
C PRO B 351 1.30 26.01 11.23
N LEU B 352 1.26 24.72 11.55
CA LEU B 352 0.98 24.28 12.90
C LEU B 352 1.65 22.91 13.10
N TRP B 353 2.60 22.80 14.03
CA TRP B 353 3.27 21.55 14.37
C TRP B 353 3.75 21.51 15.82
N GLU B 354 4.02 20.32 16.33
CA GLU B 354 4.44 20.13 17.70
C GLU B 354 5.72 20.92 17.85
N GLY B 355 5.85 21.60 18.98
CA GLY B 355 7.03 22.41 19.25
C GLY B 355 6.89 23.87 18.86
N MSE B 356 5.84 24.21 18.11
CA MSE B 356 5.60 25.60 17.77
C MSE B 356 5.33 26.35 19.08
O MSE B 356 4.57 25.88 19.93
CB MSE B 356 4.40 25.71 16.81
CG MSE B 356 4.11 27.13 16.34
SE MSE B 356 2.85 27.14 14.85
CE MSE B 356 3.98 26.43 13.47
N THR B 357 5.98 27.50 19.24
CA THR B 357 5.80 28.37 20.40
C THR B 357 4.78 29.45 20.17
N LYS B 358 4.30 30.04 21.24
CA LYS B 358 3.37 31.14 21.11
C LYS B 358 3.98 32.31 20.30
N GLU B 359 5.28 32.53 20.43
CA GLU B 359 5.97 33.60 19.69
C GLU B 359 6.02 33.31 18.18
N ILE B 360 6.09 32.04 17.80
CA ILE B 360 6.06 31.68 16.39
C ILE B 360 4.68 31.96 15.79
N VAL B 361 3.63 31.57 16.52
CA VAL B 361 2.24 31.83 16.13
C VAL B 361 2.02 33.34 15.94
N GLU B 362 2.56 34.11 16.89
CA GLU B 362 2.45 35.57 16.86
C GLU B 362 3.22 36.20 15.68
N GLN B 363 4.41 35.67 15.39
CA GLN B 363 5.15 36.15 14.23
C GLN B 363 4.32 35.88 12.95
N ILE B 364 3.65 34.72 12.89
CA ILE B 364 2.82 34.40 11.73
C ILE B 364 1.58 35.32 11.69
N VAL B 365 0.86 35.43 12.79
CA VAL B 365 -0.38 36.22 12.84
C VAL B 365 -0.10 37.71 12.53
N ILE B 366 1.01 38.23 13.04
CA ILE B 366 1.40 39.61 12.74
C ILE B 366 1.80 39.79 11.26
N CYS B 367 2.44 38.79 10.67
CA CYS B 367 2.79 38.88 9.25
C CYS B 367 1.53 38.87 8.40
N LEU B 368 0.54 38.07 8.79
CA LEU B 368 -0.73 38.07 8.10
C LEU B 368 -1.26 39.49 8.05
N GLY B 369 -1.26 40.16 9.21
CA GLY B 369 -1.81 41.51 9.31
C GLY B 369 -0.99 42.69 8.78
N GLN B 370 0.24 42.46 8.29
CA GLN B 370 1.12 43.56 7.84
C GLN B 370 1.91 43.24 6.57
CA CA C . 25.71 2.03 11.56
CA CA D . 29.30 -1.52 16.94
CA CA E . 26.96 1.52 14.74
C ACT F . 0.74 11.45 2.04
O ACT F . 1.79 11.89 1.48
OXT ACT F . 0.57 10.21 2.02
CH3 ACT F . -0.26 12.34 2.71
C ACT G . -0.28 22.16 -1.75
O ACT G . 0.57 23.00 -1.41
OXT ACT G . 0.14 20.99 -1.88
CH3 ACT G . -1.73 22.50 -1.97
C ACT H . 7.32 1.23 -29.83
O ACT H . 6.21 1.15 -30.43
OXT ACT H . 8.23 0.53 -30.33
CH3 ACT H . 7.58 2.09 -28.60
C1 PEG I . 6.83 24.47 -6.54
O1 PEG I . 6.32 25.69 -7.11
C2 PEG I . 6.57 24.40 -5.03
O2 PEG I . 5.22 24.00 -4.66
C3 PEG I . 4.25 24.90 -5.17
C4 PEG I . 2.90 24.72 -4.51
O4 PEG I . 1.96 25.38 -5.37
C1 PEG J . 3.84 -15.55 3.29
O1 PEG J . 2.65 -15.08 3.95
C2 PEG J . 3.60 -16.57 2.18
O2 PEG J . 4.36 -16.16 1.03
C3 PEG J . 4.39 -17.09 -0.03
C4 PEG J . 4.21 -16.39 -1.38
O4 PEG J . 4.98 -17.06 -2.39
C1 PEG K . 16.80 -25.98 -7.80
O1 PEG K . 17.45 -25.66 -6.55
C2 PEG K . 17.84 -26.29 -8.87
O2 PEG K . 18.58 -25.09 -9.12
C3 PEG K . 19.74 -25.35 -9.93
C4 PEG K . 20.41 -24.06 -10.39
O4 PEG K . 21.54 -23.75 -9.58
C1 PGE L . 18.21 -12.14 -16.84
O1 PGE L . 17.94 -10.91 -16.13
C2 PGE L . 17.76 -12.09 -18.31
O2 PGE L . 18.73 -11.58 -19.21
C3 PGE L . 18.28 -11.13 -20.50
C4 PGE L . 18.69 -9.68 -20.75
O4 PGE L . 19.12 -5.91 -22.32
C6 PGE L . 18.95 -6.82 -21.23
C5 PGE L . 17.60 -7.53 -21.30
O3 PGE L . 17.68 -8.96 -21.45
CA CA M . 7.43 -0.32 27.15
C ACT N . 2.10 -11.38 1.49
O ACT N . 1.87 -10.16 1.33
OXT ACT N . 1.51 -11.91 2.45
CH3 ACT N . 3.03 -12.16 0.59
C ACT O . -0.98 -22.34 0.18
O ACT O . -1.24 -21.22 0.66
OXT ACT O . -0.67 -23.21 1.03
CH3 ACT O . -1.03 -22.65 -1.30
C1 PEG P . -5.96 -24.91 5.90
O1 PEG P . -6.64 -25.97 5.20
C2 PEG P . -4.68 -24.54 5.13
O2 PEG P . -4.91 -24.57 3.72
C3 PEG P . -4.33 -25.66 2.97
C4 PEG P . -5.26 -26.19 1.88
O4 PEG P . -6.36 -26.91 2.46
C1 PEG Q . 1.54 16.56 4.11
O1 PEG Q . 2.26 16.25 2.91
C2 PEG Q . 0.25 17.34 3.87
O2 PEG Q . -0.87 16.46 3.87
C3 PEG Q . -2.02 17.05 3.24
C4 PEG Q . -3.32 16.47 3.80
O4 PEG Q . -4.39 17.42 3.69
C1 PEG R . -7.28 9.74 27.17
O1 PEG R . -7.65 10.71 28.14
C2 PEG R . -6.23 8.76 27.72
O2 PEG R . -5.25 8.34 26.75
C3 PEG R . -5.60 8.18 25.36
C4 PEG R . -7.00 7.60 25.09
O4 PEG R . -7.95 8.64 24.73
C1 PEG S . -13.90 24.67 17.48
O1 PEG S . -13.17 24.85 18.70
C2 PEG S . -13.78 25.95 16.66
O2 PEG S . -13.18 25.69 15.39
C3 PEG S . -12.57 26.85 14.81
C4 PEG S . -11.21 26.45 14.26
O4 PEG S . -10.28 26.32 15.34
C1 PGE T . -20.01 12.26 14.81
O1 PGE T . -19.01 11.22 14.80
C2 PGE T . -21.22 11.68 14.11
O2 PGE T . -22.42 12.25 14.60
C3 PGE T . -23.31 11.31 15.21
C4 PGE T . -24.10 10.44 14.23
O4 PGE T . -25.11 6.11 15.06
C6 PGE T . -24.01 6.69 14.32
C5 PGE T . -24.35 8.03 13.67
O3 PGE T . -23.79 9.07 14.48
#